data_2WNW
#
_entry.id   2WNW
#
_cell.length_a   92.600
_cell.length_b   162.300
_cell.length_c   169.600
_cell.angle_alpha   90.00
_cell.angle_beta   90.00
_cell.angle_gamma   90.00
#
_symmetry.space_group_name_H-M   'C 2 2 21'
#
loop_
_entity.id
_entity.type
_entity.pdbx_description
1 polymer 'ACTIVATED BY TRANSCRIPTION FACTOR SSRB'
2 non-polymer 'PHOSPHATE ION'
3 non-polymer GLYCEROL
4 water water
#
_entity_poly.entity_id   1
_entity_poly.type   'polypeptide(L)'
_entity_poly.pdbx_seq_one_letter_code
;MKGRLISSDPYRQQFLVERAVSFSHRQRDCSELISVLPRHALQQIDGFGGSFTEGAGVVFNSMSEKTKAQFLSLYFSAQE
HNYTLARMPIQSCDFSLGNYAYVDSSADLQQGRLSFSRDEAHLIPLISGALRLNPHMKLMASPWSPPAFMKTNNDMNGGG
KLRRECYADWADIIINYLLEYRRHGINVQALSVQNEPVAVKTWDSCLYSVEEETAFAVQYLRPRLARQGMDEMEIYIWDH
DKDGLVDWAELAFADEANYKGINGLAFHWYTGDHFSQIQYLAQCLPDKKLLFSEGCVPMESDAGSQIRHWHTYLHDMIGN
FKSGCSGFIDWNLLLNSEGGPNHQGNLCEAPIQYDAQNDVLRRNHSWYGIGHFCRYVRPGARVMLSSSYDNLLEEVGFVN
PDGERVLVVYNRDVQERRCRVLDGDKEIALTLPPSGASTLLWRQESI
;
_entity_poly.pdbx_strand_id   A,B
#
# COMPACT_ATOMS: atom_id res chain seq x y z
N MET A 1 27.43 12.74 4.53
CA MET A 1 26.42 12.80 3.43
C MET A 1 25.56 14.05 3.63
N LYS A 2 25.36 14.80 2.55
CA LYS A 2 24.57 16.02 2.61
C LYS A 2 23.56 16.08 1.48
N GLY A 3 22.68 17.08 1.52
CA GLY A 3 21.68 17.20 0.48
C GLY A 3 20.94 18.52 0.51
N ARG A 4 19.81 18.57 -0.19
CA ARG A 4 18.99 19.76 -0.26
C ARG A 4 17.58 19.39 0.19
N LEU A 5 16.96 20.29 0.95
CA LEU A 5 15.61 20.06 1.44
C LEU A 5 14.71 21.18 0.94
N ILE A 6 13.63 20.80 0.26
CA ILE A 6 12.67 21.76 -0.28
C ILE A 6 11.38 21.55 0.52
N SER A 7 11.01 22.55 1.32
CA SER A 7 9.84 22.43 2.18
C SER A 7 8.71 23.42 1.90
N SER A 8 7.49 22.91 1.96
CA SER A 8 6.30 23.72 1.76
C SER A 8 5.42 23.64 2.99
N ASP A 9 4.87 24.79 3.38
CA ASP A 9 4.00 24.91 4.53
C ASP A 9 2.80 25.69 3.99
N PRO A 10 1.89 24.99 3.30
CA PRO A 10 0.70 25.64 2.72
C PRO A 10 -0.11 26.53 3.64
N TYR A 11 -0.32 26.11 4.88
CA TYR A 11 -1.10 26.93 5.81
C TYR A 11 -0.45 28.29 6.07
N ARG A 12 0.85 28.40 5.79
CA ARG A 12 1.55 29.67 5.98
C ARG A 12 1.91 30.26 4.62
N GLN A 13 1.36 29.68 3.55
CA GLN A 13 1.62 30.16 2.20
C GLN A 13 3.10 30.14 1.83
N GLN A 14 3.86 29.21 2.42
CA GLN A 14 5.28 29.07 2.13
C GLN A 14 5.45 27.85 1.24
N PHE A 15 5.91 28.06 0.01
CA PHE A 15 6.08 26.96 -0.92
C PHE A 15 7.48 26.79 -1.50
N LEU A 16 7.89 25.54 -1.63
CA LEU A 16 9.17 25.18 -2.21
C LEU A 16 10.35 25.99 -1.67
N VAL A 17 10.49 26.02 -0.35
CA VAL A 17 11.59 26.76 0.28
C VAL A 17 12.77 25.80 0.40
N GLU A 18 13.89 26.15 -0.24
CA GLU A 18 15.06 25.29 -0.20
C GLU A 18 16.16 25.73 0.76
N ARG A 19 16.86 24.75 1.32
CA ARG A 19 17.97 25.02 2.22
C ARG A 19 18.87 23.79 2.28
N ALA A 20 20.15 24.04 2.50
CA ALA A 20 21.13 22.95 2.57
C ALA A 20 20.98 22.20 3.88
N VAL A 21 21.11 20.88 3.83
CA VAL A 21 20.99 20.05 5.01
C VAL A 21 22.03 18.95 4.95
N SER A 22 22.28 18.30 6.09
CA SER A 22 23.24 17.22 6.13
C SER A 22 22.71 16.08 7.00
N PHE A 23 23.06 14.86 6.61
CA PHE A 23 22.66 13.67 7.35
C PHE A 23 23.64 13.53 8.51
N SER A 24 23.29 12.68 9.47
CA SER A 24 24.14 12.41 10.62
C SER A 24 24.18 10.89 10.77
N HIS A 25 25.14 10.39 11.54
CA HIS A 25 25.23 8.95 11.76
C HIS A 25 23.91 8.60 12.46
N ARG A 26 23.28 7.51 12.05
CA ARG A 26 22.01 7.12 12.65
C ARG A 26 22.08 6.81 14.14
N GLN A 27 20.96 7.03 14.82
CA GLN A 27 20.85 6.74 16.24
C GLN A 27 20.36 5.30 16.32
N ARG A 28 20.64 4.64 17.44
CA ARG A 28 20.23 3.25 17.61
C ARG A 28 18.71 3.08 17.58
N ASP A 29 17.98 4.01 18.19
CA ASP A 29 16.52 3.94 18.22
C ASP A 29 15.96 3.78 16.82
N CYS A 30 14.89 2.97 16.69
CA CYS A 30 14.28 2.73 15.39
C CYS A 30 12.84 3.27 15.25
N SER A 31 12.48 4.23 16.09
CA SER A 31 11.13 4.79 16.03
C SER A 31 11.03 5.98 15.07
N GLU A 32 9.80 6.27 14.63
CA GLU A 32 9.51 7.39 13.73
C GLU A 32 10.35 7.42 12.47
N LEU A 33 10.60 6.24 11.90
CA LEU A 33 11.41 6.14 10.70
C LEU A 33 10.69 6.10 9.37
N ILE A 34 11.34 6.67 8.37
CA ILE A 34 10.88 6.56 6.99
C ILE A 34 12.17 5.97 6.43
N SER A 35 12.17 4.65 6.24
CA SER A 35 13.33 3.95 5.75
C SER A 35 13.41 3.98 4.23
N VAL A 36 14.60 4.27 3.71
CA VAL A 36 14.80 4.30 2.27
C VAL A 36 15.91 3.32 1.91
N LEU A 37 15.67 2.53 0.87
CA LEU A 37 16.64 1.55 0.39
C LEU A 37 16.88 1.79 -1.08
N PRO A 38 17.71 2.81 -1.42
CA PRO A 38 18.04 3.17 -2.80
C PRO A 38 18.53 2.02 -3.67
N ARG A 39 19.20 1.05 -3.06
CA ARG A 39 19.73 -0.08 -3.83
C ARG A 39 18.64 -0.99 -4.40
N HIS A 40 17.43 -0.90 -3.86
CA HIS A 40 16.34 -1.72 -4.37
C HIS A 40 15.41 -0.86 -5.22
N ALA A 41 15.65 -0.88 -6.53
CA ALA A 41 14.87 -0.09 -7.47
C ALA A 41 13.63 -0.81 -7.94
N LEU A 42 12.56 -0.04 -8.15
CA LEU A 42 11.30 -0.61 -8.60
C LEU A 42 11.03 -0.20 -10.06
N GLN A 43 9.82 0.24 -10.37
CA GLN A 43 9.49 0.60 -11.75
C GLN A 43 10.11 1.90 -12.24
N GLN A 44 10.27 2.00 -13.56
CA GLN A 44 10.84 3.19 -14.20
C GLN A 44 9.72 4.16 -14.56
N ILE A 45 9.97 5.45 -14.39
CA ILE A 45 8.96 6.45 -14.72
C ILE A 45 9.40 7.28 -15.92
N ASP A 46 8.43 7.73 -16.71
CA ASP A 46 8.72 8.50 -17.92
C ASP A 46 8.72 10.01 -17.76
N GLY A 47 8.16 10.52 -16.66
CA GLY A 47 8.14 11.96 -16.47
C GLY A 47 6.88 12.54 -15.85
N PHE A 48 6.75 13.87 -15.93
CA PHE A 48 5.62 14.61 -15.39
C PHE A 48 5.22 15.73 -16.34
N GLY A 49 3.93 16.07 -16.36
CA GLY A 49 3.48 17.13 -17.24
C GLY A 49 2.01 17.45 -17.10
N GLY A 50 1.49 18.22 -18.05
CA GLY A 50 0.10 18.61 -18.06
C GLY A 50 -0.47 18.52 -19.46
N SER A 51 -1.72 18.97 -19.63
CA SER A 51 -2.36 18.87 -20.93
C SER A 51 -2.60 20.15 -21.72
N PHE A 52 -2.42 20.04 -23.03
CA PHE A 52 -2.66 21.13 -23.96
C PHE A 52 -4.05 20.87 -24.52
N THR A 53 -4.97 21.82 -24.32
CA THR A 53 -6.33 21.69 -24.86
C THR A 53 -6.61 22.99 -25.60
N GLU A 54 -7.65 22.99 -26.44
CA GLU A 54 -8.00 24.20 -27.15
C GLU A 54 -8.27 25.31 -26.13
N GLY A 55 -8.89 24.92 -25.01
CA GLY A 55 -9.17 25.90 -23.97
C GLY A 55 -7.90 26.54 -23.44
N ALA A 56 -6.93 25.71 -23.08
CA ALA A 56 -5.66 26.22 -22.57
C ALA A 56 -4.97 27.06 -23.65
N GLY A 57 -5.07 26.62 -24.90
CA GLY A 57 -4.45 27.33 -26.01
C GLY A 57 -5.04 28.71 -26.23
N VAL A 58 -6.37 28.80 -26.19
CA VAL A 58 -7.05 30.07 -26.37
C VAL A 58 -6.69 31.03 -25.24
N VAL A 59 -6.59 30.51 -24.02
CA VAL A 59 -6.22 31.34 -22.88
C VAL A 59 -4.78 31.80 -23.05
N PHE A 60 -3.92 30.88 -23.48
CA PHE A 60 -2.52 31.21 -23.70
C PHE A 60 -2.38 32.32 -24.75
N ASN A 61 -3.11 32.17 -25.86
CA ASN A 61 -3.05 33.15 -26.92
C ASN A 61 -3.50 34.54 -26.47
N SER A 62 -4.34 34.60 -25.43
CA SER A 62 -4.84 35.88 -24.93
C SER A 62 -3.87 36.57 -23.98
N MET A 63 -2.76 35.93 -23.64
CA MET A 63 -1.78 36.51 -22.74
C MET A 63 -0.88 37.51 -23.45
N SER A 64 -0.38 38.49 -22.70
CA SER A 64 0.53 39.49 -23.27
C SER A 64 1.79 38.69 -23.58
N GLU A 65 2.66 39.24 -24.41
CA GLU A 65 3.88 38.52 -24.76
C GLU A 65 4.74 38.31 -23.52
N LYS A 66 4.69 39.26 -22.60
CA LYS A 66 5.47 39.16 -21.36
C LYS A 66 4.96 37.96 -20.55
N THR A 67 3.65 37.88 -20.40
CA THR A 67 3.05 36.79 -19.63
C THR A 67 3.28 35.44 -20.30
N LYS A 68 3.20 35.38 -21.63
CA LYS A 68 3.42 34.13 -22.35
C LYS A 68 4.79 33.56 -21.97
N ALA A 69 5.79 34.44 -21.95
CA ALA A 69 7.15 34.03 -21.62
C ALA A 69 7.25 33.50 -20.19
N GLN A 70 6.65 34.22 -19.25
CA GLN A 70 6.65 33.80 -17.85
C GLN A 70 5.95 32.45 -17.69
N PHE A 71 4.78 32.32 -18.32
CA PHE A 71 4.01 31.09 -18.27
C PHE A 71 4.82 29.89 -18.74
N LEU A 72 5.41 30.01 -19.94
CA LEU A 72 6.19 28.92 -20.50
C LEU A 72 7.42 28.54 -19.68
N SER A 73 8.10 29.54 -19.11
CA SER A 73 9.28 29.27 -18.29
C SER A 73 8.91 28.52 -17.01
N LEU A 74 7.80 28.95 -16.40
CA LEU A 74 7.33 28.33 -15.16
C LEU A 74 7.07 26.84 -15.31
N TYR A 75 6.51 26.46 -16.45
CA TYR A 75 6.17 25.07 -16.71
C TYR A 75 7.23 24.25 -17.44
N PHE A 76 7.87 24.85 -18.43
CA PHE A 76 8.83 24.10 -19.23
C PHE A 76 10.31 24.40 -19.11
N SER A 77 10.67 25.37 -18.28
CA SER A 77 12.08 25.70 -18.07
C SER A 77 12.70 24.57 -17.25
N ALA A 78 13.92 24.20 -17.61
CA ALA A 78 14.62 23.14 -16.89
C ALA A 78 14.91 23.57 -15.46
N GLN A 79 14.88 24.87 -15.22
CA GLN A 79 15.14 25.41 -13.88
C GLN A 79 13.85 25.62 -13.10
N GLU A 80 12.72 25.34 -13.73
CA GLU A 80 11.42 25.47 -13.06
C GLU A 80 10.75 24.10 -13.02
N HIS A 81 9.49 24.01 -13.43
CA HIS A 81 8.80 22.72 -13.37
C HIS A 81 9.34 21.67 -14.31
N ASN A 82 10.09 22.08 -15.34
CA ASN A 82 10.70 21.13 -16.25
C ASN A 82 9.76 20.02 -16.73
N TYR A 83 8.55 20.39 -17.15
CA TYR A 83 7.60 19.39 -17.63
C TYR A 83 8.21 18.59 -18.77
N THR A 84 8.10 17.26 -18.68
CA THR A 84 8.66 16.37 -19.67
C THR A 84 7.63 15.52 -20.40
N LEU A 85 6.37 15.61 -19.97
CA LEU A 85 5.28 14.88 -20.60
C LEU A 85 4.13 15.83 -20.89
N ALA A 86 3.21 15.39 -21.75
CA ALA A 86 2.03 16.17 -22.07
C ALA A 86 1.01 15.30 -22.77
N ARG A 87 -0.26 15.70 -22.68
CA ARG A 87 -1.33 14.99 -23.35
C ARG A 87 -2.14 16.05 -24.07
N MET A 88 -2.65 15.71 -25.24
CA MET A 88 -3.45 16.64 -26.03
C MET A 88 -4.55 15.87 -26.76
N PRO A 89 -5.64 16.56 -27.10
CA PRO A 89 -6.77 15.92 -27.79
C PRO A 89 -6.70 15.87 -29.31
N ILE A 90 -7.17 14.75 -29.86
CA ILE A 90 -7.28 14.55 -31.30
C ILE A 90 -8.73 14.93 -31.52
N GLN A 91 -8.94 16.12 -32.08
CA GLN A 91 -10.26 16.72 -32.31
C GLN A 91 -10.71 17.28 -30.96
N SER A 92 -11.91 17.84 -30.89
CA SER A 92 -12.39 18.46 -29.66
C SER A 92 -12.65 17.60 -28.41
N CYS A 93 -12.46 18.23 -27.25
CA CYS A 93 -12.75 17.61 -25.96
C CYS A 93 -13.66 18.66 -25.31
N ASP A 94 -14.11 18.45 -24.08
CA ASP A 94 -15.00 19.43 -23.46
C ASP A 94 -14.32 20.78 -23.28
N PHE A 95 -13.02 20.79 -23.06
CA PHE A 95 -12.31 22.05 -22.91
C PHE A 95 -11.94 22.62 -24.27
N SER A 96 -12.98 22.99 -25.01
CA SER A 96 -12.84 23.58 -26.35
C SER A 96 -13.94 24.63 -26.46
N LEU A 97 -13.83 25.51 -27.45
CA LEU A 97 -14.82 26.55 -27.64
C LEU A 97 -16.11 25.90 -28.15
N GLY A 98 -15.97 24.66 -28.63
CA GLY A 98 -17.10 23.91 -29.14
C GLY A 98 -16.59 22.66 -29.84
N ASN A 99 -17.49 21.84 -30.36
CA ASN A 99 -17.10 20.61 -31.06
C ASN A 99 -16.40 20.95 -32.36
N TYR A 100 -15.42 20.14 -32.75
CA TYR A 100 -14.72 20.33 -34.02
C TYR A 100 -14.04 19.03 -34.41
N ALA A 101 -14.03 18.75 -35.72
CA ALA A 101 -13.41 17.54 -36.25
C ALA A 101 -12.56 17.92 -37.46
N TYR A 102 -11.67 17.03 -37.87
CA TYR A 102 -10.79 17.30 -39.00
C TYR A 102 -11.48 17.07 -40.35
N VAL A 103 -12.63 16.41 -40.31
CA VAL A 103 -13.43 16.15 -41.51
C VAL A 103 -14.88 16.09 -41.02
N ASP A 104 -15.78 16.77 -41.72
CA ASP A 104 -17.18 16.82 -41.27
C ASP A 104 -18.24 16.07 -42.06
N SER A 105 -17.89 15.55 -43.23
CA SER A 105 -18.86 14.80 -44.02
C SER A 105 -18.18 13.67 -44.77
N SER A 106 -18.97 12.68 -45.18
CA SER A 106 -18.45 11.55 -45.92
C SER A 106 -17.89 12.04 -47.26
N ALA A 107 -18.52 13.07 -47.81
CA ALA A 107 -18.07 13.62 -49.09
C ALA A 107 -16.67 14.20 -48.97
N ASP A 108 -16.44 15.03 -47.96
CA ASP A 108 -15.13 15.63 -47.76
C ASP A 108 -14.11 14.53 -47.49
N LEU A 109 -14.53 13.49 -46.77
CA LEU A 109 -13.65 12.37 -46.47
C LEU A 109 -13.22 11.71 -47.78
N GLN A 110 -14.20 11.37 -48.60
CA GLN A 110 -13.95 10.73 -49.89
C GLN A 110 -13.03 11.56 -50.79
N GLN A 111 -13.18 12.88 -50.71
CA GLN A 111 -12.38 13.78 -51.54
C GLN A 111 -11.07 14.18 -50.87
N GLY A 112 -10.80 13.56 -49.71
CA GLY A 112 -9.57 13.83 -48.99
C GLY A 112 -9.40 15.24 -48.47
N ARG A 113 -10.51 15.91 -48.16
CA ARG A 113 -10.42 17.28 -47.66
C ARG A 113 -10.54 17.39 -46.14
N LEU A 114 -9.38 17.47 -45.50
CA LEU A 114 -9.32 17.59 -44.04
C LEU A 114 -8.94 19.02 -43.67
N SER A 115 -9.22 19.41 -42.44
CA SER A 115 -8.87 20.75 -41.99
C SER A 115 -8.31 20.74 -40.58
N PHE A 116 -7.12 21.30 -40.43
CA PHE A 116 -6.44 21.38 -39.15
C PHE A 116 -6.21 22.84 -38.78
N SER A 117 -6.80 23.75 -39.55
CA SER A 117 -6.63 25.18 -39.31
C SER A 117 -6.94 25.58 -37.88
N ARG A 118 -7.98 24.98 -37.30
CA ARG A 118 -8.37 25.28 -35.94
C ARG A 118 -7.27 24.93 -34.93
N ASP A 119 -6.69 23.74 -35.08
CA ASP A 119 -5.61 23.33 -34.19
C ASP A 119 -4.39 24.21 -34.42
N GLU A 120 -4.19 24.63 -35.67
CA GLU A 120 -3.04 25.46 -36.01
C GLU A 120 -3.09 26.83 -35.34
N ALA A 121 -4.28 27.33 -35.07
CA ALA A 121 -4.43 28.63 -34.46
C ALA A 121 -4.55 28.58 -32.94
N HIS A 122 -5.19 27.53 -32.43
CA HIS A 122 -5.43 27.40 -30.99
C HIS A 122 -4.52 26.49 -30.17
N LEU A 123 -4.00 25.42 -30.79
CA LEU A 123 -3.16 24.48 -30.07
C LEU A 123 -1.67 24.55 -30.37
N ILE A 124 -1.34 24.51 -31.66
CA ILE A 124 0.06 24.51 -32.07
C ILE A 124 0.94 25.64 -31.52
N PRO A 125 0.41 26.87 -31.40
CA PRO A 125 1.25 27.94 -30.87
C PRO A 125 1.73 27.64 -29.45
N LEU A 126 0.81 27.20 -28.59
CA LEU A 126 1.14 26.87 -27.20
C LEU A 126 2.15 25.71 -27.16
N ILE A 127 1.82 24.62 -27.86
CA ILE A 127 2.69 23.45 -27.90
C ILE A 127 4.09 23.78 -28.43
N SER A 128 4.14 24.56 -29.51
CA SER A 128 5.42 24.94 -30.09
C SER A 128 6.23 25.77 -29.10
N GLY A 129 5.55 26.64 -28.36
CA GLY A 129 6.25 27.46 -27.39
C GLY A 129 6.88 26.60 -26.30
N ALA A 130 6.14 25.59 -25.85
CA ALA A 130 6.62 24.69 -24.81
C ALA A 130 7.81 23.89 -25.34
N LEU A 131 7.67 23.39 -26.56
CA LEU A 131 8.71 22.60 -27.20
C LEU A 131 10.00 23.41 -27.37
N ARG A 132 9.88 24.73 -27.49
CA ARG A 132 11.05 25.58 -27.61
C ARG A 132 11.89 25.50 -26.34
N LEU A 133 11.22 25.49 -25.19
CA LEU A 133 11.90 25.40 -23.90
C LEU A 133 12.39 23.98 -23.65
N ASN A 134 11.59 22.99 -24.04
CA ASN A 134 11.99 21.59 -23.88
C ASN A 134 11.62 20.82 -25.14
N PRO A 135 12.52 20.79 -26.12
CA PRO A 135 12.28 20.08 -27.38
C PRO A 135 12.21 18.55 -27.23
N HIS A 136 12.52 18.04 -26.05
CA HIS A 136 12.49 16.60 -25.82
C HIS A 136 11.26 16.08 -25.08
N MET A 137 10.25 16.93 -24.94
CA MET A 137 9.02 16.52 -24.27
C MET A 137 8.42 15.30 -24.97
N LYS A 138 7.87 14.38 -24.20
CA LYS A 138 7.23 13.20 -24.76
C LYS A 138 5.73 13.54 -24.80
N LEU A 139 5.18 13.63 -26.02
CA LEU A 139 3.79 14.00 -26.18
C LEU A 139 2.85 12.83 -26.47
N MET A 140 1.68 12.87 -25.83
CA MET A 140 0.66 11.84 -25.99
C MET A 140 -0.61 12.46 -26.54
N ALA A 141 -1.24 11.79 -27.49
CA ALA A 141 -2.48 12.30 -28.09
C ALA A 141 -3.59 11.28 -27.86
N SER A 142 -4.77 11.77 -27.50
CA SER A 142 -5.94 10.93 -27.24
C SER A 142 -7.19 11.57 -27.82
N PRO A 143 -8.10 10.75 -28.38
CA PRO A 143 -9.33 11.29 -28.95
C PRO A 143 -10.46 11.21 -27.91
N TRP A 144 -11.38 12.16 -27.98
CA TRP A 144 -12.53 12.17 -27.11
C TRP A 144 -13.70 11.65 -27.97
N SER A 145 -13.60 11.89 -29.28
CA SER A 145 -14.65 11.43 -30.19
C SER A 145 -14.32 11.55 -31.68
N PRO A 146 -14.70 10.53 -32.47
CA PRO A 146 -14.46 10.55 -33.91
C PRO A 146 -15.45 11.57 -34.48
N PRO A 147 -15.35 11.91 -35.78
CA PRO A 147 -16.30 12.88 -36.35
C PRO A 147 -17.72 12.35 -36.17
N ALA A 148 -18.69 13.26 -36.09
CA ALA A 148 -20.09 12.87 -35.89
C ALA A 148 -20.62 11.84 -36.88
N PHE A 149 -20.40 12.07 -38.19
CA PHE A 149 -20.92 11.15 -39.19
C PHE A 149 -20.33 9.74 -39.13
N MET A 150 -19.26 9.56 -38.38
CA MET A 150 -18.63 8.24 -38.26
C MET A 150 -19.19 7.47 -37.06
N LYS A 151 -20.13 8.06 -36.34
CA LYS A 151 -20.71 7.43 -35.17
C LYS A 151 -22.16 6.99 -35.31
N THR A 152 -22.55 6.05 -34.46
CA THR A 152 -23.91 5.51 -34.47
C THR A 152 -24.97 6.53 -34.07
N ASN A 153 -24.55 7.57 -33.34
CA ASN A 153 -25.48 8.60 -32.90
C ASN A 153 -25.34 9.92 -33.66
N ASN A 154 -24.48 9.95 -34.67
CA ASN A 154 -24.29 11.15 -35.49
C ASN A 154 -24.07 12.41 -34.64
N ASP A 155 -23.27 12.29 -33.58
CA ASP A 155 -23.02 13.43 -32.69
C ASP A 155 -21.73 13.18 -31.92
N MET A 156 -20.84 14.17 -31.87
CA MET A 156 -19.59 14.00 -31.14
C MET A 156 -19.88 13.90 -29.63
N ASN A 157 -20.98 14.51 -29.19
CA ASN A 157 -21.37 14.48 -27.78
C ASN A 157 -22.36 13.35 -27.52
N GLY A 158 -22.58 13.06 -26.25
CA GLY A 158 -23.56 12.06 -25.86
C GLY A 158 -23.26 10.59 -26.09
N GLY A 159 -21.98 10.22 -26.15
CA GLY A 159 -21.65 8.84 -26.35
C GLY A 159 -21.71 8.34 -27.78
N GLY A 160 -22.36 7.21 -27.98
CA GLY A 160 -22.45 6.63 -29.31
C GLY A 160 -21.20 5.78 -29.51
N LYS A 161 -21.10 5.12 -30.67
CA LYS A 161 -19.93 4.29 -30.96
C LYS A 161 -19.44 4.53 -32.38
N LEU A 162 -18.19 4.17 -32.64
CA LEU A 162 -17.63 4.31 -33.97
C LEU A 162 -18.29 3.25 -34.83
N ARG A 163 -18.82 3.63 -35.99
CA ARG A 163 -19.45 2.65 -36.86
C ARG A 163 -18.36 1.69 -37.31
N ARG A 164 -18.66 0.40 -37.28
CA ARG A 164 -17.68 -0.61 -37.67
C ARG A 164 -17.08 -0.35 -39.04
N GLU A 165 -17.87 0.17 -39.96
CA GLU A 165 -17.35 0.44 -41.30
C GLU A 165 -16.49 1.70 -41.36
N CYS A 166 -16.31 2.36 -40.22
CA CYS A 166 -15.49 3.58 -40.16
C CYS A 166 -14.19 3.40 -39.37
N TYR A 167 -13.88 2.16 -38.97
CA TYR A 167 -12.66 1.93 -38.22
C TYR A 167 -11.43 2.34 -39.02
N ALA A 168 -11.37 1.90 -40.27
CA ALA A 168 -10.23 2.23 -41.12
C ALA A 168 -10.15 3.74 -41.34
N ASP A 169 -11.28 4.38 -41.61
CA ASP A 169 -11.31 5.82 -41.85
C ASP A 169 -10.87 6.63 -40.64
N TRP A 170 -11.28 6.22 -39.44
CA TRP A 170 -10.91 6.95 -38.23
C TRP A 170 -9.41 6.77 -38.01
N ALA A 171 -8.91 5.55 -38.22
CA ALA A 171 -7.49 5.30 -38.04
C ALA A 171 -6.70 6.17 -39.03
N ASP A 172 -7.20 6.30 -40.25
CA ASP A 172 -6.52 7.10 -41.26
C ASP A 172 -6.50 8.58 -40.86
N ILE A 173 -7.57 9.06 -40.24
CA ILE A 173 -7.61 10.45 -39.80
C ILE A 173 -6.55 10.68 -38.71
N ILE A 174 -6.43 9.72 -37.80
CA ILE A 174 -5.45 9.83 -36.73
C ILE A 174 -4.03 9.88 -37.31
N ILE A 175 -3.79 9.11 -38.37
CA ILE A 175 -2.47 9.14 -38.99
C ILE A 175 -2.22 10.54 -39.59
N ASN A 176 -3.23 11.09 -40.24
CA ASN A 176 -3.07 12.43 -40.83
C ASN A 176 -2.87 13.48 -39.74
N TYR A 177 -3.47 13.25 -38.58
CA TYR A 177 -3.30 14.16 -37.45
C TYR A 177 -1.81 14.13 -37.10
N LEU A 178 -1.25 12.93 -37.02
CA LEU A 178 0.17 12.77 -36.70
C LEU A 178 1.08 13.41 -37.75
N LEU A 179 0.73 13.24 -39.03
CA LEU A 179 1.54 13.82 -40.11
C LEU A 179 1.44 15.35 -40.06
N GLU A 180 0.23 15.84 -39.82
CA GLU A 180 -0.03 17.27 -39.73
C GLU A 180 0.84 17.90 -38.63
N TYR A 181 0.83 17.31 -37.45
CA TYR A 181 1.63 17.83 -36.35
C TYR A 181 3.13 17.71 -36.61
N ARG A 182 3.56 16.62 -37.26
CA ARG A 182 4.98 16.46 -37.56
C ARG A 182 5.45 17.56 -38.50
N ARG A 183 4.58 17.98 -39.41
CA ARG A 183 4.92 19.04 -40.36
C ARG A 183 5.18 20.36 -39.63
N HIS A 184 4.57 20.52 -38.47
CA HIS A 184 4.72 21.74 -37.67
C HIS A 184 5.77 21.54 -36.57
N GLY A 185 6.61 20.53 -36.74
CA GLY A 185 7.66 20.25 -35.78
C GLY A 185 7.21 19.63 -34.47
N ILE A 186 6.04 19.00 -34.47
CA ILE A 186 5.53 18.37 -33.24
C ILE A 186 5.45 16.86 -33.41
N ASN A 187 6.33 16.16 -32.69
CA ASN A 187 6.36 14.70 -32.76
C ASN A 187 5.61 14.10 -31.58
N VAL A 188 4.77 13.11 -31.88
CA VAL A 188 3.98 12.43 -30.87
C VAL A 188 4.62 11.08 -30.61
N GLN A 189 4.72 10.68 -29.35
CA GLN A 189 5.33 9.41 -29.01
C GLN A 189 4.36 8.43 -28.37
N ALA A 190 3.15 8.89 -28.06
CA ALA A 190 2.16 8.00 -27.45
C ALA A 190 0.74 8.36 -27.83
N LEU A 191 -0.13 7.35 -27.81
CA LEU A 191 -1.53 7.52 -28.14
C LEU A 191 -2.37 6.66 -27.19
N SER A 192 -3.63 7.01 -27.05
CA SER A 192 -4.55 6.17 -26.31
C SER A 192 -5.63 6.00 -27.38
N VAL A 193 -6.34 4.88 -27.36
CA VAL A 193 -7.36 4.64 -28.37
C VAL A 193 -8.56 5.57 -28.22
N GLN A 194 -8.98 5.77 -26.98
CA GLN A 194 -10.13 6.61 -26.70
C GLN A 194 -10.16 7.02 -25.23
N ASN A 195 -10.50 8.28 -24.99
CA ASN A 195 -10.62 8.80 -23.63
C ASN A 195 -11.88 8.20 -23.02
N GLU A 196 -11.76 7.55 -21.86
CA GLU A 196 -12.90 6.97 -21.16
C GLU A 196 -13.87 6.23 -22.08
N PRO A 197 -13.41 5.14 -22.71
CA PRO A 197 -14.18 4.31 -23.64
C PRO A 197 -15.47 3.67 -23.13
N VAL A 198 -15.71 3.73 -21.83
CA VAL A 198 -16.92 3.14 -21.28
C VAL A 198 -17.86 4.19 -20.70
N ALA A 199 -17.53 5.46 -20.90
CA ALA A 199 -18.35 6.52 -20.33
C ALA A 199 -19.01 7.48 -21.31
N VAL A 200 -20.33 7.60 -21.18
CA VAL A 200 -21.10 8.53 -22.01
C VAL A 200 -21.03 9.87 -21.29
N LYS A 201 -20.72 10.94 -22.02
CA LYS A 201 -20.65 12.28 -21.44
C LYS A 201 -21.54 13.21 -22.26
N THR A 202 -21.97 14.32 -21.67
CA THR A 202 -22.80 15.28 -22.39
C THR A 202 -21.90 16.00 -23.39
N TRP A 203 -20.59 15.82 -23.23
CA TRP A 203 -19.61 16.42 -24.13
C TRP A 203 -18.99 15.33 -25.00
N ASP A 204 -17.92 15.66 -25.71
CA ASP A 204 -17.26 14.70 -26.59
C ASP A 204 -16.94 13.38 -25.92
N SER A 205 -17.50 12.30 -26.46
CA SER A 205 -17.28 10.96 -25.92
C SER A 205 -17.63 9.90 -26.95
N CYS A 206 -17.12 8.69 -26.75
CA CYS A 206 -17.36 7.59 -27.68
C CYS A 206 -17.10 6.28 -26.94
N LEU A 207 -18.01 5.32 -27.09
CA LEU A 207 -17.87 4.03 -26.41
C LEU A 207 -17.24 2.92 -27.25
N TYR A 208 -16.43 2.12 -26.59
CA TYR A 208 -15.76 0.97 -27.21
C TYR A 208 -15.78 -0.14 -26.17
N SER A 209 -16.04 -1.37 -26.60
CA SER A 209 -15.99 -2.50 -25.68
C SER A 209 -14.48 -2.78 -25.64
N VAL A 210 -14.02 -3.60 -24.70
CA VAL A 210 -12.59 -3.89 -24.64
C VAL A 210 -12.11 -4.58 -25.93
N GLU A 211 -12.98 -5.42 -26.50
CA GLU A 211 -12.65 -6.11 -27.75
C GLU A 211 -12.47 -5.08 -28.88
N GLU A 212 -13.36 -4.10 -28.94
CA GLU A 212 -13.33 -3.07 -29.97
C GLU A 212 -12.13 -2.13 -29.83
N GLU A 213 -11.86 -1.71 -28.59
CA GLU A 213 -10.76 -0.81 -28.34
C GLU A 213 -9.43 -1.46 -28.73
N THR A 214 -9.21 -2.69 -28.27
CA THR A 214 -7.96 -3.37 -28.58
C THR A 214 -7.85 -3.70 -30.06
N ALA A 215 -8.96 -4.03 -30.71
CA ALA A 215 -8.92 -4.34 -32.13
C ALA A 215 -8.52 -3.09 -32.91
N PHE A 216 -9.01 -1.93 -32.47
CA PHE A 216 -8.68 -0.68 -33.15
C PHE A 216 -7.19 -0.40 -33.02
N ALA A 217 -6.65 -0.66 -31.84
CA ALA A 217 -5.22 -0.41 -31.59
C ALA A 217 -4.32 -1.37 -32.37
N VAL A 218 -4.61 -2.66 -32.28
CA VAL A 218 -3.80 -3.68 -32.92
C VAL A 218 -4.07 -3.97 -34.39
N GLN A 219 -5.34 -3.99 -34.78
CA GLN A 219 -5.69 -4.28 -36.16
C GLN A 219 -5.67 -3.06 -37.09
N TYR A 220 -5.96 -1.88 -36.55
CA TYR A 220 -5.99 -0.69 -37.39
C TYR A 220 -4.86 0.31 -37.20
N LEU A 221 -4.58 0.71 -35.96
CA LEU A 221 -3.51 1.67 -35.74
C LEU A 221 -2.12 1.11 -35.99
N ARG A 222 -1.82 -0.04 -35.40
CA ARG A 222 -0.50 -0.65 -35.55
C ARG A 222 -0.01 -0.78 -36.99
N PRO A 223 -0.78 -1.44 -37.87
CA PRO A 223 -0.36 -1.59 -39.27
C PRO A 223 -0.09 -0.26 -39.97
N ARG A 224 -0.95 0.73 -39.72
CA ARG A 224 -0.79 2.04 -40.34
C ARG A 224 0.44 2.77 -39.80
N LEU A 225 0.62 2.73 -38.48
CA LEU A 225 1.77 3.38 -37.87
C LEU A 225 3.05 2.78 -38.45
N ALA A 226 3.07 1.47 -38.57
CA ALA A 226 4.23 0.76 -39.10
C ALA A 226 4.54 1.23 -40.53
N ARG A 227 3.51 1.31 -41.37
CA ARG A 227 3.70 1.73 -42.76
C ARG A 227 4.25 3.15 -42.86
N GLN A 228 3.99 3.97 -41.83
CA GLN A 228 4.49 5.34 -41.81
C GLN A 228 5.85 5.40 -41.14
N GLY A 229 6.35 4.27 -40.69
CA GLY A 229 7.64 4.24 -40.03
C GLY A 229 7.54 4.78 -38.60
N MET A 230 6.34 4.70 -38.03
CA MET A 230 6.09 5.18 -36.67
C MET A 230 5.95 3.98 -35.73
N ASP A 231 6.80 2.98 -35.95
CA ASP A 231 6.81 1.74 -35.19
C ASP A 231 6.96 1.91 -33.67
N GLU A 232 7.81 2.83 -33.26
CA GLU A 232 8.09 3.05 -31.85
C GLU A 232 6.99 3.75 -31.04
N MET A 233 5.89 4.08 -31.71
CA MET A 233 4.76 4.74 -31.04
C MET A 233 4.23 3.86 -29.91
N GLU A 234 3.94 4.45 -28.76
CA GLU A 234 3.39 3.68 -27.65
C GLU A 234 1.87 3.82 -27.74
N ILE A 235 1.16 2.75 -27.43
CA ILE A 235 -0.31 2.79 -27.44
C ILE A 235 -0.83 2.33 -26.08
N TYR A 236 -1.69 3.16 -25.50
CA TYR A 236 -2.29 2.86 -24.19
C TYR A 236 -3.79 2.62 -24.36
N ILE A 237 -4.35 1.77 -23.49
CA ILE A 237 -5.78 1.49 -23.51
C ILE A 237 -6.36 1.86 -22.14
N TRP A 238 -7.67 1.70 -22.01
CA TRP A 238 -8.45 2.02 -20.80
C TRP A 238 -8.62 3.54 -20.73
N ASP A 239 -7.60 4.25 -20.27
CA ASP A 239 -7.66 5.71 -20.19
C ASP A 239 -8.92 6.13 -19.43
N HIS A 240 -9.15 5.50 -18.29
CA HIS A 240 -10.33 5.77 -17.48
C HIS A 240 -9.95 5.62 -16.01
N ASP A 241 -10.93 5.66 -15.12
CA ASP A 241 -10.65 5.59 -13.69
C ASP A 241 -10.06 4.28 -13.17
N LYS A 242 -9.37 4.36 -12.03
CA LYS A 242 -8.69 3.21 -11.45
C LYS A 242 -9.53 2.04 -10.94
N ASP A 243 -10.82 2.27 -10.70
CA ASP A 243 -11.69 1.19 -10.20
C ASP A 243 -11.91 0.03 -11.18
N GLY A 244 -11.76 0.29 -12.48
CA GLY A 244 -11.97 -0.78 -13.45
C GLY A 244 -10.70 -1.25 -14.14
N LEU A 245 -9.56 -0.84 -13.58
CA LEU A 245 -8.25 -1.17 -14.12
C LEU A 245 -7.95 -2.66 -14.33
N VAL A 246 -8.06 -3.45 -13.27
CA VAL A 246 -7.75 -4.87 -13.37
C VAL A 246 -8.72 -5.64 -14.28
N ASP A 247 -10.01 -5.39 -14.15
CA ASP A 247 -11.00 -6.08 -14.98
C ASP A 247 -10.72 -5.90 -16.47
N TRP A 248 -10.44 -4.66 -16.86
CA TRP A 248 -10.16 -4.33 -18.26
C TRP A 248 -8.86 -4.95 -18.75
N ALA A 249 -7.81 -4.79 -17.96
CA ALA A 249 -6.49 -5.33 -18.31
C ALA A 249 -6.58 -6.84 -18.51
N GLU A 250 -7.28 -7.51 -17.61
CA GLU A 250 -7.44 -8.97 -17.68
C GLU A 250 -8.03 -9.41 -19.02
N LEU A 251 -9.11 -8.74 -19.41
CA LEU A 251 -9.78 -9.05 -20.68
C LEU A 251 -8.93 -8.68 -21.87
N ALA A 252 -8.29 -7.51 -21.80
CA ALA A 252 -7.46 -7.03 -22.91
C ALA A 252 -6.24 -7.89 -23.21
N PHE A 253 -5.43 -8.19 -22.20
CA PHE A 253 -4.22 -8.95 -22.41
C PHE A 253 -4.35 -10.47 -22.42
N ALA A 254 -5.58 -10.97 -22.44
CA ALA A 254 -5.78 -12.41 -22.48
C ALA A 254 -5.39 -12.85 -23.89
N ASP A 255 -5.48 -11.89 -24.83
CA ASP A 255 -5.16 -12.11 -26.23
C ASP A 255 -3.69 -11.80 -26.49
N GLU A 256 -2.95 -12.79 -26.98
CA GLU A 256 -1.52 -12.62 -27.27
C GLU A 256 -1.23 -11.44 -28.21
N ALA A 257 -2.08 -11.24 -29.20
CA ALA A 257 -1.89 -10.15 -30.15
C ALA A 257 -1.97 -8.79 -29.46
N ASN A 258 -2.88 -8.67 -28.50
CA ASN A 258 -3.04 -7.42 -27.77
C ASN A 258 -1.83 -7.19 -26.87
N TYR A 259 -1.37 -8.25 -26.22
CA TYR A 259 -0.22 -8.14 -25.34
C TYR A 259 0.98 -7.60 -26.13
N LYS A 260 1.18 -8.12 -27.33
CA LYS A 260 2.30 -7.70 -28.16
C LYS A 260 2.16 -6.29 -28.76
N GLY A 261 0.93 -5.88 -29.06
CA GLY A 261 0.75 -4.57 -29.67
C GLY A 261 0.41 -3.39 -28.79
N ILE A 262 0.11 -3.63 -27.52
CA ILE A 262 -0.24 -2.56 -26.60
C ILE A 262 0.80 -2.39 -25.50
N ASN A 263 1.25 -1.15 -25.30
CA ASN A 263 2.30 -0.84 -24.32
C ASN A 263 1.85 -0.76 -22.86
N GLY A 264 0.58 -0.51 -22.63
CA GLY A 264 0.12 -0.42 -21.25
C GLY A 264 -1.25 0.18 -21.11
N LEU A 265 -1.58 0.63 -19.90
CA LEU A 265 -2.87 1.24 -19.66
C LEU A 265 -2.71 2.61 -19.05
N ALA A 266 -3.60 3.52 -19.44
CA ALA A 266 -3.58 4.87 -18.90
C ALA A 266 -4.76 4.91 -17.92
N PHE A 267 -4.68 5.75 -16.89
CA PHE A 267 -5.79 5.84 -15.95
C PHE A 267 -5.96 7.22 -15.36
N HIS A 268 -7.15 7.48 -14.84
CA HIS A 268 -7.51 8.76 -14.23
C HIS A 268 -7.81 8.53 -12.75
N TRP A 269 -8.13 9.61 -12.03
CA TRP A 269 -8.39 9.48 -10.60
C TRP A 269 -9.80 9.85 -10.14
N TYR A 270 -10.72 10.01 -11.07
CA TYR A 270 -12.06 10.46 -10.71
C TYR A 270 -12.93 9.59 -9.79
N THR A 271 -12.55 8.35 -9.53
CA THR A 271 -13.34 7.51 -8.63
C THR A 271 -12.57 7.17 -7.34
N GLY A 272 -11.47 7.87 -7.09
CA GLY A 272 -10.73 7.61 -5.88
C GLY A 272 -9.37 6.95 -6.03
N ASP A 273 -8.81 6.54 -4.90
CA ASP A 273 -7.49 5.90 -4.83
C ASP A 273 -7.30 4.61 -5.61
N HIS A 274 -7.91 3.53 -5.12
CA HIS A 274 -7.80 2.22 -5.75
C HIS A 274 -6.35 1.86 -6.11
N PHE A 275 -5.41 2.25 -5.25
CA PHE A 275 -4.00 2.00 -5.51
C PHE A 275 -3.66 0.52 -5.69
N SER A 276 -4.37 -0.35 -4.98
CA SER A 276 -4.11 -1.79 -5.06
C SER A 276 -4.23 -2.36 -6.47
N GLN A 277 -5.09 -1.76 -7.31
CA GLN A 277 -5.24 -2.27 -8.68
C GLN A 277 -4.02 -1.93 -9.53
N ILE A 278 -3.38 -0.80 -9.24
CA ILE A 278 -2.18 -0.43 -9.97
C ILE A 278 -1.09 -1.42 -9.58
N GLN A 279 -0.95 -1.65 -8.28
CA GLN A 279 0.07 -2.57 -7.76
C GLN A 279 -0.09 -4.00 -8.29
N TYR A 280 -1.32 -4.49 -8.35
CA TYR A 280 -1.55 -5.85 -8.85
C TYR A 280 -1.09 -5.96 -10.30
N LEU A 281 -1.43 -4.98 -11.12
CA LEU A 281 -1.04 -5.01 -12.52
C LEU A 281 0.47 -4.82 -12.67
N ALA A 282 1.07 -4.07 -11.76
CA ALA A 282 2.51 -3.83 -11.80
C ALA A 282 3.24 -5.15 -11.57
N GLN A 283 2.63 -6.02 -10.77
CA GLN A 283 3.24 -7.32 -10.47
C GLN A 283 2.93 -8.35 -11.55
N CYS A 284 1.73 -8.27 -12.12
CA CYS A 284 1.30 -9.21 -13.17
C CYS A 284 1.79 -8.84 -14.56
N LEU A 285 1.94 -7.54 -14.83
CA LEU A 285 2.41 -7.06 -16.14
C LEU A 285 3.62 -6.16 -15.93
N PRO A 286 4.72 -6.72 -15.39
CA PRO A 286 5.93 -5.95 -15.15
C PRO A 286 6.52 -5.24 -16.36
N ASP A 287 6.26 -5.74 -17.55
CA ASP A 287 6.81 -5.11 -18.75
C ASP A 287 5.89 -4.09 -19.41
N LYS A 288 4.70 -3.89 -18.85
CA LYS A 288 3.77 -2.91 -19.40
C LYS A 288 3.80 -1.64 -18.55
N LYS A 289 3.34 -0.53 -19.12
CA LYS A 289 3.34 0.74 -18.41
C LYS A 289 1.97 1.10 -17.87
N LEU A 290 1.94 1.63 -16.65
CA LEU A 290 0.70 2.03 -16.00
C LEU A 290 0.81 3.53 -15.80
N LEU A 291 0.32 4.27 -16.79
CA LEU A 291 0.41 5.73 -16.81
C LEU A 291 -0.79 6.50 -16.27
N PHE A 292 -0.53 7.46 -15.39
CA PHE A 292 -1.60 8.32 -14.89
C PHE A 292 -1.72 9.37 -15.98
N SER A 293 -2.83 9.36 -16.70
CA SER A 293 -2.98 10.30 -17.81
C SER A 293 -3.86 11.53 -17.64
N GLU A 294 -4.66 11.58 -16.58
CA GLU A 294 -5.51 12.75 -16.40
C GLU A 294 -6.18 12.84 -15.04
N GLY A 295 -6.24 14.07 -14.53
CA GLY A 295 -6.89 14.32 -13.25
C GLY A 295 -6.99 15.82 -13.07
N CYS A 296 -7.99 16.25 -12.32
CA CYS A 296 -8.18 17.67 -12.02
C CYS A 296 -9.16 17.78 -10.86
N VAL A 297 -9.32 19.00 -10.35
CA VAL A 297 -10.24 19.26 -9.26
C VAL A 297 -11.18 20.38 -9.71
N PRO A 298 -12.38 20.44 -9.14
CA PRO A 298 -13.34 21.48 -9.54
C PRO A 298 -13.00 22.84 -8.94
N MET A 299 -13.67 23.88 -9.44
CA MET A 299 -13.49 25.22 -8.92
C MET A 299 -14.31 25.28 -7.64
N GLU A 300 -13.68 25.69 -6.54
CA GLU A 300 -14.36 25.77 -5.25
C GLU A 300 -13.90 27.03 -4.55
N SER A 301 -14.83 27.76 -3.95
CA SER A 301 -14.51 29.03 -3.32
C SER A 301 -14.42 29.07 -1.81
N ASP A 302 -14.74 27.96 -1.13
CA ASP A 302 -14.68 27.96 0.32
C ASP A 302 -13.24 28.02 0.86
N ALA A 303 -13.13 28.37 2.13
CA ALA A 303 -11.82 28.53 2.79
C ALA A 303 -10.85 27.36 2.62
N GLY A 304 -11.33 26.14 2.76
CA GLY A 304 -10.44 24.99 2.64
C GLY A 304 -10.20 24.44 1.25
N SER A 305 -10.76 25.06 0.21
CA SER A 305 -10.58 24.55 -1.15
C SER A 305 -9.13 24.34 -1.58
N GLN A 306 -8.27 25.34 -1.43
CA GLN A 306 -6.89 25.17 -1.84
C GLN A 306 -6.17 24.03 -1.12
N ILE A 307 -6.40 23.89 0.18
CA ILE A 307 -5.77 22.83 0.94
C ILE A 307 -6.27 21.47 0.47
N ARG A 308 -7.57 21.38 0.19
CA ARG A 308 -8.15 20.11 -0.30
C ARG A 308 -7.57 19.72 -1.65
N HIS A 309 -7.36 20.71 -2.51
CA HIS A 309 -6.81 20.46 -3.84
C HIS A 309 -5.36 20.02 -3.71
N TRP A 310 -4.65 20.64 -2.78
CA TRP A 310 -3.25 20.32 -2.49
C TRP A 310 -3.19 18.85 -2.10
N HIS A 311 -4.08 18.46 -1.19
CA HIS A 311 -4.14 17.06 -0.74
C HIS A 311 -4.47 16.10 -1.87
N THR A 312 -5.48 16.42 -2.66
CA THR A 312 -5.88 15.53 -3.76
C THR A 312 -4.72 15.20 -4.70
N TYR A 313 -3.97 16.22 -5.12
CA TYR A 313 -2.85 15.99 -6.02
C TYR A 313 -1.73 15.17 -5.37
N LEU A 314 -1.28 15.61 -4.21
CA LEU A 314 -0.19 14.91 -3.52
C LEU A 314 -0.55 13.49 -3.12
N HIS A 315 -1.74 13.30 -2.57
CA HIS A 315 -2.18 11.98 -2.13
C HIS A 315 -2.26 10.99 -3.29
N ASP A 316 -2.83 11.41 -4.42
CA ASP A 316 -2.93 10.49 -5.54
C ASP A 316 -1.58 10.22 -6.19
N MET A 317 -0.76 11.25 -6.34
CA MET A 317 0.56 11.07 -6.95
C MET A 317 1.44 10.13 -6.15
N ILE A 318 1.51 10.34 -4.84
CA ILE A 318 2.33 9.49 -3.98
C ILE A 318 1.85 8.04 -4.05
N GLY A 319 0.53 7.84 -3.89
CA GLY A 319 -0.01 6.50 -3.95
C GLY A 319 0.24 5.80 -5.29
N ASN A 320 0.04 6.53 -6.38
CA ASN A 320 0.24 5.96 -7.70
C ASN A 320 1.68 5.48 -7.89
N PHE A 321 2.64 6.34 -7.60
CA PHE A 321 4.04 5.96 -7.78
C PHE A 321 4.49 4.85 -6.82
N LYS A 322 3.98 4.84 -5.59
CA LYS A 322 4.35 3.78 -4.67
C LYS A 322 3.76 2.46 -5.17
N SER A 323 2.69 2.54 -5.95
CA SER A 323 2.01 1.36 -6.46
C SER A 323 2.42 0.85 -7.84
N GLY A 324 3.35 1.53 -8.50
CA GLY A 324 3.79 1.06 -9.81
C GLY A 324 3.56 1.95 -11.01
N CYS A 325 3.11 3.17 -10.78
CA CYS A 325 2.81 4.14 -11.85
C CYS A 325 4.05 4.53 -12.65
N SER A 326 3.89 4.64 -13.97
CA SER A 326 5.02 4.98 -14.86
C SER A 326 5.13 6.45 -15.25
N GLY A 327 4.16 7.27 -14.86
CA GLY A 327 4.22 8.67 -15.23
C GLY A 327 3.01 9.46 -14.79
N PHE A 328 3.13 10.78 -14.77
CA PHE A 328 2.06 11.67 -14.36
C PHE A 328 1.75 12.76 -15.37
N ILE A 329 0.48 12.85 -15.76
CA ILE A 329 0.03 13.89 -16.67
C ILE A 329 -1.23 14.52 -16.11
N ASP A 330 -1.11 15.80 -15.74
CA ASP A 330 -2.21 16.58 -15.21
C ASP A 330 -3.14 16.91 -16.38
N TRP A 331 -4.34 17.39 -16.07
CA TRP A 331 -5.30 17.77 -17.11
C TRP A 331 -4.86 19.16 -17.57
N ASN A 332 -5.80 20.04 -17.94
CA ASN A 332 -5.46 21.38 -18.41
C ASN A 332 -4.30 22.06 -17.67
N LEU A 333 -3.29 22.48 -18.42
CA LEU A 333 -2.13 23.16 -17.86
C LEU A 333 -2.55 24.55 -17.40
N LEU A 334 -3.48 25.13 -18.15
CA LEU A 334 -3.92 26.49 -17.92
C LEU A 334 -5.38 26.70 -18.29
N LEU A 335 -6.07 27.59 -17.56
CA LEU A 335 -7.46 27.90 -17.83
C LEU A 335 -7.70 29.36 -17.41
N ASN A 336 -8.85 29.92 -17.78
CA ASN A 336 -9.12 31.30 -17.39
C ASN A 336 -9.55 31.36 -15.93
N SER A 337 -9.78 32.57 -15.42
CA SER A 337 -10.15 32.77 -14.03
C SER A 337 -11.31 31.92 -13.53
N GLU A 338 -12.29 31.65 -14.39
CA GLU A 338 -13.44 30.87 -13.96
C GLU A 338 -13.31 29.37 -14.19
N GLY A 339 -12.18 28.95 -14.76
CA GLY A 339 -11.97 27.52 -15.00
C GLY A 339 -12.46 27.07 -16.36
N GLY A 340 -12.48 28.00 -17.31
CA GLY A 340 -12.92 27.69 -18.66
C GLY A 340 -11.87 28.10 -19.67
N PRO A 341 -12.20 28.12 -20.96
CA PRO A 341 -13.52 27.81 -21.54
C PRO A 341 -13.81 26.31 -21.68
N ASN A 342 -15.08 25.95 -21.51
CA ASN A 342 -15.52 24.56 -21.62
C ASN A 342 -16.89 24.63 -22.31
N HIS A 343 -17.02 23.99 -23.47
CA HIS A 343 -18.27 24.09 -24.21
C HIS A 343 -19.49 23.39 -23.61
N GLN A 344 -19.31 22.74 -22.46
CA GLN A 344 -20.44 22.11 -21.78
C GLN A 344 -20.58 22.65 -20.35
N GLY A 345 -19.86 23.72 -20.06
CA GLY A 345 -19.93 24.33 -18.74
C GLY A 345 -19.26 23.54 -17.63
N ASN A 346 -18.45 22.56 -18.00
CA ASN A 346 -17.75 21.73 -17.02
C ASN A 346 -16.46 22.42 -16.57
N LEU A 347 -16.63 23.55 -15.87
CA LEU A 347 -15.50 24.35 -15.38
C LEU A 347 -14.69 23.61 -14.32
N CYS A 348 -13.36 23.72 -14.42
CA CYS A 348 -12.46 23.06 -13.49
C CYS A 348 -11.28 23.95 -13.15
N GLU A 349 -10.57 23.63 -12.08
CA GLU A 349 -9.38 24.41 -11.73
C GLU A 349 -8.21 23.85 -12.53
N ALA A 350 -7.19 24.68 -12.73
CA ALA A 350 -5.96 24.26 -13.42
C ALA A 350 -4.87 24.82 -12.52
N PRO A 351 -3.71 24.16 -12.45
CA PRO A 351 -2.62 24.66 -11.58
C PRO A 351 -2.29 26.12 -11.81
N ILE A 352 -2.46 26.58 -13.05
CA ILE A 352 -2.21 27.99 -13.35
C ILE A 352 -3.44 28.53 -14.07
N GLN A 353 -3.90 29.69 -13.61
CA GLN A 353 -5.06 30.32 -14.23
C GLN A 353 -4.69 31.74 -14.60
N TYR A 354 -5.32 32.25 -15.66
CA TYR A 354 -5.00 33.58 -16.15
C TYR A 354 -6.18 34.51 -16.33
N ASP A 355 -6.01 35.74 -15.87
CA ASP A 355 -7.03 36.78 -15.96
C ASP A 355 -6.58 37.76 -17.05
N ALA A 356 -7.21 37.66 -18.21
CA ALA A 356 -6.87 38.50 -19.36
C ALA A 356 -7.07 39.99 -19.15
N GLN A 357 -8.17 40.36 -18.48
CA GLN A 357 -8.46 41.77 -18.24
C GLN A 357 -7.32 42.51 -17.56
N ASN A 358 -6.79 41.93 -16.48
CA ASN A 358 -5.71 42.54 -15.74
C ASN A 358 -4.35 41.95 -16.09
N ASP A 359 -4.36 40.98 -17.00
CA ASP A 359 -3.14 40.31 -17.42
C ASP A 359 -2.38 39.79 -16.22
N VAL A 360 -3.11 39.07 -15.36
CA VAL A 360 -2.54 38.50 -14.14
C VAL A 360 -2.54 36.97 -14.16
N LEU A 361 -1.37 36.40 -13.89
CA LEU A 361 -1.16 34.95 -13.85
C LEU A 361 -1.26 34.51 -12.39
N ARG A 362 -1.95 33.40 -12.14
CA ARG A 362 -2.13 32.90 -10.78
C ARG A 362 -1.77 31.42 -10.64
N ARG A 363 -0.95 31.11 -9.63
CA ARG A 363 -0.54 29.73 -9.37
C ARG A 363 -1.27 29.17 -8.16
N ASN A 364 -2.06 28.13 -8.37
CA ASN A 364 -2.80 27.50 -7.29
C ASN A 364 -1.93 26.54 -6.50
N HIS A 365 -2.41 26.09 -5.34
CA HIS A 365 -1.65 25.16 -4.51
C HIS A 365 -1.19 23.94 -5.29
N SER A 366 -2.04 23.43 -6.17
CA SER A 366 -1.72 22.25 -6.96
C SER A 366 -0.42 22.41 -7.77
N TRP A 367 -0.16 23.62 -8.25
CA TRP A 367 1.07 23.86 -9.02
C TRP A 367 2.28 23.54 -8.17
N TYR A 368 2.28 23.99 -6.91
CA TYR A 368 3.40 23.73 -6.01
C TYR A 368 3.44 22.26 -5.60
N GLY A 369 2.27 21.65 -5.45
CA GLY A 369 2.20 20.24 -5.09
C GLY A 369 2.86 19.39 -6.16
N ILE A 370 2.50 19.63 -7.41
CA ILE A 370 3.09 18.89 -8.52
C ILE A 370 4.59 19.16 -8.52
N GLY A 371 4.96 20.38 -8.19
CA GLY A 371 6.36 20.78 -8.16
C GLY A 371 7.26 19.96 -7.26
N HIS A 372 6.74 19.49 -6.13
CA HIS A 372 7.55 18.69 -5.23
C HIS A 372 8.08 17.45 -5.94
N PHE A 373 7.42 17.09 -7.04
CA PHE A 373 7.82 15.94 -7.85
C PHE A 373 8.58 16.33 -9.13
N CYS A 374 7.87 17.00 -10.03
CA CYS A 374 8.39 17.36 -11.34
C CYS A 374 9.65 18.21 -11.43
N ARG A 375 9.89 19.06 -10.43
CA ARG A 375 11.09 19.90 -10.46
C ARG A 375 12.36 19.13 -10.15
N TYR A 376 12.22 17.95 -9.55
CA TYR A 376 13.39 17.17 -9.15
C TYR A 376 13.56 15.77 -9.71
N VAL A 377 12.46 15.15 -10.14
CA VAL A 377 12.53 13.79 -10.69
C VAL A 377 12.60 13.86 -12.20
N ARG A 378 13.59 13.17 -12.79
CA ARG A 378 13.78 13.19 -14.23
C ARG A 378 13.31 11.93 -14.94
N PRO A 379 13.02 12.04 -16.25
CA PRO A 379 12.56 10.89 -17.03
C PRO A 379 13.61 9.79 -16.91
N GLY A 380 13.16 8.53 -16.79
CA GLY A 380 14.09 7.43 -16.68
C GLY A 380 14.42 7.03 -15.25
N ALA A 381 14.08 7.90 -14.29
CA ALA A 381 14.33 7.60 -12.90
C ALA A 381 13.51 6.38 -12.49
N ARG A 382 13.93 5.72 -11.42
CA ARG A 382 13.18 4.57 -10.93
C ARG A 382 12.73 4.83 -9.51
N VAL A 383 11.55 4.32 -9.16
CA VAL A 383 11.04 4.47 -7.81
C VAL A 383 11.91 3.55 -6.96
N MET A 384 12.22 3.97 -5.74
CA MET A 384 13.03 3.13 -4.87
C MET A 384 12.17 2.57 -3.74
N LEU A 385 12.61 1.48 -3.15
CA LEU A 385 11.87 0.88 -2.05
C LEU A 385 12.02 1.78 -0.83
N SER A 386 10.92 2.02 -0.12
CA SER A 386 10.95 2.82 1.08
C SER A 386 9.73 2.45 1.92
N SER A 387 9.77 2.74 3.21
CA SER A 387 8.65 2.44 4.09
C SER A 387 8.51 3.50 5.17
N SER A 388 7.28 3.73 5.61
CA SER A 388 7.00 4.73 6.63
C SER A 388 6.40 4.10 7.89
N TYR A 389 6.81 4.64 9.04
CA TYR A 389 6.32 4.15 10.32
C TYR A 389 4.86 4.51 10.55
N ASP A 390 4.34 5.45 9.78
CA ASP A 390 2.96 5.92 9.92
C ASP A 390 2.41 6.31 8.56
N ASN A 391 1.34 5.64 8.13
CA ASN A 391 0.71 5.90 6.83
C ASN A 391 0.22 7.33 6.63
N LEU A 392 0.09 8.11 7.70
CA LEU A 392 -0.37 9.49 7.57
C LEU A 392 0.78 10.32 7.01
N LEU A 393 2.00 9.82 7.19
CA LEU A 393 3.17 10.47 6.62
C LEU A 393 3.37 9.76 5.30
N GLU A 394 2.74 10.28 4.25
CA GLU A 394 2.81 9.71 2.92
C GLU A 394 4.17 9.99 2.31
N GLU A 395 4.75 8.99 1.65
CA GLU A 395 6.05 9.17 1.07
C GLU A 395 6.36 8.23 -0.08
N VAL A 396 7.21 8.69 -0.99
CA VAL A 396 7.65 7.89 -2.12
C VAL A 396 9.00 8.45 -2.57
N GLY A 397 9.94 7.55 -2.89
CA GLY A 397 11.25 8.00 -3.31
C GLY A 397 11.64 7.51 -4.69
N PHE A 398 12.60 8.20 -5.30
CA PHE A 398 13.07 7.86 -6.64
C PHE A 398 14.59 7.97 -6.68
N VAL A 399 15.18 7.36 -7.69
CA VAL A 399 16.62 7.46 -7.91
C VAL A 399 16.74 7.89 -9.36
N ASN A 400 17.21 9.10 -9.59
CA ASN A 400 17.36 9.61 -10.95
C ASN A 400 18.44 8.82 -11.68
N PRO A 401 18.44 8.91 -13.02
CA PRO A 401 19.43 8.19 -13.83
C PRO A 401 20.87 8.44 -13.39
N ASP A 402 21.16 9.65 -12.92
CA ASP A 402 22.52 9.99 -12.48
C ASP A 402 22.83 9.56 -11.06
N GLY A 403 21.90 8.85 -10.43
CA GLY A 403 22.11 8.37 -9.08
C GLY A 403 21.57 9.23 -7.95
N GLU A 404 21.06 10.41 -8.27
CA GLU A 404 20.54 11.30 -7.23
C GLU A 404 19.30 10.71 -6.57
N ARG A 405 19.29 10.68 -5.25
CA ARG A 405 18.15 10.17 -4.50
C ARG A 405 17.15 11.31 -4.28
N VAL A 406 15.87 11.02 -4.43
CA VAL A 406 14.82 12.03 -4.25
C VAL A 406 13.69 11.43 -3.42
N LEU A 407 13.34 12.07 -2.31
CA LEU A 407 12.26 11.57 -1.46
C LEU A 407 11.20 12.63 -1.23
N VAL A 408 9.95 12.28 -1.53
CA VAL A 408 8.84 13.21 -1.32
C VAL A 408 8.08 12.75 -0.08
N VAL A 409 7.83 13.66 0.85
CA VAL A 409 7.10 13.34 2.08
C VAL A 409 6.00 14.37 2.26
N TYR A 410 4.79 13.87 2.53
CA TYR A 410 3.62 14.71 2.72
C TYR A 410 2.91 14.30 4.01
N ASN A 411 2.71 15.27 4.90
CA ASN A 411 2.04 15.03 6.17
C ASN A 411 0.55 15.38 6.09
N ARG A 412 -0.31 14.36 5.97
CA ARG A 412 -1.74 14.62 5.88
C ARG A 412 -2.41 14.80 7.23
N ASP A 413 -1.64 14.59 8.31
CA ASP A 413 -2.18 14.73 9.66
C ASP A 413 -2.51 16.21 9.88
N VAL A 414 -3.36 16.48 10.87
CA VAL A 414 -3.74 17.85 11.18
C VAL A 414 -2.83 18.43 12.26
N GLN A 415 -1.79 17.68 12.59
CA GLN A 415 -0.82 18.11 13.59
C GLN A 415 0.58 18.07 12.98
N GLU A 416 1.49 18.80 13.59
CA GLU A 416 2.87 18.81 13.14
C GLU A 416 3.37 17.39 13.40
N ARG A 417 4.14 16.83 12.48
CA ARG A 417 4.66 15.47 12.65
C ARG A 417 6.16 15.38 12.40
N ARG A 418 6.79 14.40 13.02
CA ARG A 418 8.22 14.20 12.87
C ARG A 418 8.55 12.85 12.26
N CYS A 419 9.70 12.78 11.61
CA CYS A 419 10.15 11.53 11.01
C CYS A 419 11.65 11.61 10.83
N ARG A 420 12.28 10.45 10.73
CA ARG A 420 13.71 10.40 10.51
C ARG A 420 13.92 9.62 9.23
N VAL A 421 14.41 10.30 8.19
CA VAL A 421 14.69 9.62 6.94
C VAL A 421 15.96 8.83 7.20
N LEU A 422 15.86 7.51 7.11
CA LEU A 422 16.97 6.62 7.38
C LEU A 422 17.47 5.93 6.12
N ASP A 423 18.71 6.23 5.75
CA ASP A 423 19.35 5.64 4.58
C ASP A 423 20.61 4.92 5.03
N GLY A 424 20.50 3.62 5.28
CA GLY A 424 21.65 2.86 5.73
C GLY A 424 22.03 3.27 7.13
N ASP A 425 23.27 3.72 7.31
CA ASP A 425 23.75 4.14 8.62
C ASP A 425 23.69 5.65 8.80
N LYS A 426 22.96 6.32 7.91
CA LYS A 426 22.81 7.77 7.96
C LYS A 426 21.34 8.16 8.10
N GLU A 427 21.08 9.27 8.79
CA GLU A 427 19.71 9.74 8.97
C GLU A 427 19.63 11.25 9.04
N ILE A 428 18.43 11.78 8.83
CA ILE A 428 18.18 13.21 8.92
C ILE A 428 16.77 13.36 9.46
N ALA A 429 16.65 14.08 10.57
CA ALA A 429 15.36 14.30 11.22
C ALA A 429 14.60 15.44 10.57
N LEU A 430 13.34 15.19 10.24
CA LEU A 430 12.50 16.19 9.62
C LEU A 430 11.24 16.44 10.43
N THR A 431 10.76 17.67 10.39
CA THR A 431 9.53 18.05 11.09
C THR A 431 8.65 18.73 10.06
N LEU A 432 7.45 18.20 9.85
CA LEU A 432 6.54 18.78 8.88
C LEU A 432 5.29 19.33 9.53
N PRO A 433 4.89 20.54 9.14
CA PRO A 433 3.69 21.14 9.72
C PRO A 433 2.49 20.40 9.14
N PRO A 434 1.28 20.65 9.67
CA PRO A 434 0.10 19.98 9.13
C PRO A 434 0.00 20.28 7.64
N SER A 435 -0.26 19.25 6.83
CA SER A 435 -0.38 19.38 5.37
C SER A 435 0.93 19.76 4.69
N GLY A 436 2.01 19.81 5.46
CA GLY A 436 3.29 20.17 4.87
C GLY A 436 3.83 19.08 3.95
N ALA A 437 4.66 19.48 3.01
CA ALA A 437 5.28 18.54 2.08
C ALA A 437 6.74 18.94 1.96
N SER A 438 7.61 17.95 1.81
CA SER A 438 9.03 18.20 1.68
C SER A 438 9.65 17.23 0.69
N THR A 439 10.62 17.73 -0.07
CA THR A 439 11.33 16.90 -1.02
C THR A 439 12.79 16.97 -0.61
N LEU A 440 13.38 15.81 -0.34
CA LEU A 440 14.78 15.70 0.08
C LEU A 440 15.61 15.15 -1.08
N LEU A 441 16.70 15.84 -1.39
CA LEU A 441 17.58 15.42 -2.49
C LEU A 441 18.97 15.16 -1.93
N TRP A 442 19.59 14.05 -2.34
CA TRP A 442 20.93 13.72 -1.88
C TRP A 442 21.59 12.66 -2.74
N ARG A 443 22.89 12.49 -2.56
CA ARG A 443 23.66 11.51 -3.30
C ARG A 443 24.46 10.65 -2.34
N GLN A 444 24.69 9.40 -2.70
CA GLN A 444 25.47 8.50 -1.85
C GLN A 444 26.85 9.13 -1.67
N GLU A 445 27.50 8.88 -0.55
CA GLU A 445 28.81 9.46 -0.32
C GLU A 445 29.85 8.94 -1.31
N SER A 446 30.82 9.67 -1.59
N MET B 1 -27.68 -12.95 -4.24
CA MET B 1 -26.49 -13.22 -3.37
C MET B 1 -26.72 -12.59 -2.00
N LYS B 2 -26.69 -13.42 -0.96
CA LYS B 2 -26.90 -12.95 0.40
C LYS B 2 -25.61 -13.03 1.20
N GLY B 3 -25.64 -12.51 2.43
CA GLY B 3 -24.46 -12.55 3.27
C GLY B 3 -24.75 -12.14 4.69
N ARG B 4 -23.71 -12.14 5.52
CA ARG B 4 -23.83 -11.75 6.92
C ARG B 4 -22.92 -10.55 7.15
N LEU B 5 -23.44 -9.56 7.89
CA LEU B 5 -22.68 -8.36 8.22
C LEU B 5 -22.50 -8.26 9.73
N ILE B 6 -21.25 -8.18 10.16
CA ILE B 6 -20.94 -8.06 11.58
C ILE B 6 -20.36 -6.66 11.76
N SER B 7 -21.06 -5.81 12.51
CA SER B 7 -20.64 -4.43 12.70
C SER B 7 -20.28 -4.04 14.12
N SER B 8 -19.27 -3.17 14.25
CA SER B 8 -18.84 -2.70 15.56
C SER B 8 -18.64 -1.20 15.60
N ASP B 9 -19.05 -0.58 16.69
CA ASP B 9 -18.87 0.86 16.91
C ASP B 9 -18.13 0.93 18.24
N PRO B 10 -16.81 1.20 18.20
CA PRO B 10 -15.97 1.29 19.40
C PRO B 10 -16.32 2.40 20.38
N TYR B 11 -16.91 3.48 19.87
CA TYR B 11 -17.30 4.59 20.75
C TYR B 11 -18.56 4.21 21.52
N ARG B 12 -19.60 3.82 20.80
CA ARG B 12 -20.87 3.44 21.42
C ARG B 12 -20.79 2.05 22.03
N GLN B 13 -19.64 1.41 21.85
CA GLN B 13 -19.39 0.08 22.38
C GLN B 13 -20.46 -0.97 22.10
N GLN B 14 -20.80 -1.08 20.83
CA GLN B 14 -21.76 -2.06 20.34
C GLN B 14 -20.85 -2.88 19.43
N PHE B 15 -20.40 -4.02 19.93
CA PHE B 15 -19.47 -4.86 19.20
C PHE B 15 -20.04 -6.10 18.54
N LEU B 16 -19.45 -6.43 17.40
CA LEU B 16 -19.81 -7.61 16.62
C LEU B 16 -21.30 -7.88 16.51
N VAL B 17 -22.06 -6.88 16.11
CA VAL B 17 -23.50 -7.04 15.96
C VAL B 17 -23.76 -7.60 14.55
N GLU B 18 -24.37 -8.78 14.49
CA GLU B 18 -24.62 -9.43 13.21
C GLU B 18 -26.05 -9.28 12.69
N ARG B 19 -26.18 -9.25 11.36
CA ARG B 19 -27.49 -9.15 10.74
C ARG B 19 -27.41 -9.67 9.31
N ALA B 20 -28.50 -10.27 8.86
CA ALA B 20 -28.57 -10.81 7.50
C ALA B 20 -28.61 -9.67 6.52
N VAL B 21 -27.89 -9.81 5.41
CA VAL B 21 -27.87 -8.75 4.42
C VAL B 21 -27.93 -9.33 3.01
N SER B 22 -28.24 -8.48 2.04
CA SER B 22 -28.35 -8.91 0.66
C SER B 22 -27.70 -7.95 -0.32
N PHE B 23 -27.03 -8.50 -1.32
CA PHE B 23 -26.39 -7.72 -2.37
C PHE B 23 -27.46 -7.35 -3.40
N SER B 24 -27.21 -6.31 -4.18
CA SER B 24 -28.14 -5.88 -5.22
C SER B 24 -27.35 -5.77 -6.51
N HIS B 25 -28.05 -5.75 -7.64
CA HIS B 25 -27.36 -5.61 -8.91
C HIS B 25 -26.66 -4.26 -8.82
N ARG B 26 -25.42 -4.18 -9.29
CA ARG B 26 -24.69 -2.92 -9.19
C ARG B 26 -25.29 -1.77 -9.98
N GLN B 27 -25.03 -0.55 -9.51
CA GLN B 27 -25.49 0.65 -10.19
C GLN B 27 -24.33 1.04 -11.12
N ARG B 28 -24.63 1.81 -12.16
CA ARG B 28 -23.59 2.21 -13.10
C ARG B 28 -22.52 3.12 -12.50
N ASP B 29 -22.92 4.01 -11.60
CA ASP B 29 -21.98 4.92 -10.97
C ASP B 29 -20.84 4.12 -10.32
N CYS B 30 -19.62 4.63 -10.45
CA CYS B 30 -18.44 3.94 -9.89
C CYS B 30 -17.77 4.66 -8.72
N SER B 31 -18.51 5.54 -8.04
CA SER B 31 -17.95 6.27 -6.90
C SER B 31 -18.11 5.51 -5.58
N GLU B 32 -17.27 5.87 -4.61
CA GLU B 32 -17.28 5.28 -3.27
C GLU B 32 -17.24 3.76 -3.25
N LEU B 33 -16.43 3.18 -4.11
CA LEU B 33 -16.34 1.73 -4.19
C LEU B 33 -15.18 1.10 -3.45
N ILE B 34 -15.44 -0.10 -2.94
CA ILE B 34 -14.40 -0.93 -2.36
C ILE B 34 -14.60 -2.15 -3.26
N SER B 35 -13.74 -2.28 -4.26
CA SER B 35 -13.82 -3.36 -5.22
C SER B 35 -13.17 -4.65 -4.74
N VAL B 36 -13.86 -5.76 -4.88
CA VAL B 36 -13.31 -7.05 -4.47
C VAL B 36 -13.30 -8.02 -5.65
N LEU B 37 -12.18 -8.73 -5.81
CA LEU B 37 -12.02 -9.68 -6.90
C LEU B 37 -11.58 -11.03 -6.35
N PRO B 38 -12.52 -11.80 -5.80
CA PRO B 38 -12.29 -13.12 -5.22
C PRO B 38 -11.49 -14.07 -6.10
N ARG B 39 -11.67 -13.96 -7.41
CA ARG B 39 -10.98 -14.85 -8.34
C ARG B 39 -9.47 -14.68 -8.35
N HIS B 40 -8.99 -13.55 -7.82
CA HIS B 40 -7.55 -13.32 -7.76
C HIS B 40 -7.07 -13.47 -6.33
N ALA B 41 -6.55 -14.65 -6.02
CA ALA B 41 -6.06 -14.96 -4.69
C ALA B 41 -4.60 -14.57 -4.52
N LEU B 42 -4.25 -14.13 -3.32
CA LEU B 42 -2.88 -13.74 -3.02
C LEU B 42 -2.26 -14.76 -2.06
N GLN B 43 -1.57 -14.31 -1.02
CA GLN B 43 -0.92 -15.26 -0.10
C GLN B 43 -1.87 -16.02 0.80
N GLN B 44 -1.42 -17.18 1.26
CA GLN B 44 -2.21 -18.02 2.16
C GLN B 44 -1.87 -17.68 3.60
N ILE B 45 -2.85 -17.73 4.49
CA ILE B 45 -2.61 -17.42 5.88
C ILE B 45 -2.83 -18.64 6.77
N ASP B 46 -2.07 -18.73 7.86
CA ASP B 46 -2.13 -19.87 8.75
C ASP B 46 -3.07 -19.77 9.95
N GLY B 47 -3.55 -18.58 10.27
CA GLY B 47 -4.47 -18.45 11.39
C GLY B 47 -4.27 -17.23 12.25
N PHE B 48 -4.95 -17.23 13.40
CA PHE B 48 -4.89 -16.11 14.35
C PHE B 48 -4.77 -16.67 15.76
N GLY B 49 -4.09 -15.94 16.64
CA GLY B 49 -3.93 -16.40 18.01
C GLY B 49 -3.28 -15.40 18.94
N GLY B 50 -2.97 -15.88 20.15
CA GLY B 50 -2.33 -15.06 21.17
C GLY B 50 -1.19 -15.83 21.81
N SER B 51 -0.54 -15.22 22.80
CA SER B 51 0.61 -15.86 23.44
C SER B 51 0.42 -16.36 24.87
N PHE B 52 1.03 -17.52 25.14
CA PHE B 52 1.00 -18.11 26.48
C PHE B 52 2.32 -17.72 27.13
N THR B 53 2.25 -17.04 28.27
CA THR B 53 3.46 -16.64 28.99
C THR B 53 3.27 -17.08 30.43
N GLU B 54 4.34 -17.10 31.21
CA GLU B 54 4.21 -17.49 32.62
C GLU B 54 3.26 -16.51 33.28
N GLY B 55 3.38 -15.23 32.90
CA GLY B 55 2.51 -14.23 33.47
C GLY B 55 1.05 -14.56 33.22
N ALA B 56 0.71 -14.88 31.98
CA ALA B 56 -0.67 -15.22 31.64
C ALA B 56 -1.12 -16.48 32.36
N GLY B 57 -0.20 -17.44 32.50
CA GLY B 57 -0.51 -18.69 33.17
C GLY B 57 -0.80 -18.50 34.65
N VAL B 58 -0.01 -17.66 35.31
CA VAL B 58 -0.21 -17.37 36.73
C VAL B 58 -1.58 -16.72 36.94
N VAL B 59 -1.95 -15.79 36.07
CA VAL B 59 -3.24 -15.12 36.18
C VAL B 59 -4.36 -16.13 35.94
N PHE B 60 -4.16 -17.00 34.95
CA PHE B 60 -5.15 -18.02 34.64
C PHE B 60 -5.33 -18.93 35.85
N ASN B 61 -4.22 -19.37 36.42
CA ASN B 61 -4.26 -20.24 37.59
C ASN B 61 -4.97 -19.58 38.76
N SER B 62 -4.98 -18.26 38.81
CA SER B 62 -5.61 -17.53 39.90
C SER B 62 -7.12 -17.40 39.77
N MET B 63 -7.64 -17.72 38.57
CA MET B 63 -9.07 -17.61 38.33
C MET B 63 -9.84 -18.74 39.00
N SER B 64 -11.14 -18.53 39.19
CA SER B 64 -11.99 -19.54 39.78
C SER B 64 -12.22 -20.53 38.65
N GLU B 65 -12.75 -21.70 38.98
CA GLU B 65 -12.97 -22.72 37.96
C GLU B 65 -13.98 -22.25 36.92
N LYS B 66 -14.98 -21.49 37.36
CA LYS B 66 -16.00 -20.97 36.45
C LYS B 66 -15.39 -19.94 35.50
N THR B 67 -14.52 -19.10 36.02
CA THR B 67 -13.89 -18.08 35.20
C THR B 67 -12.89 -18.69 34.21
N LYS B 68 -12.21 -19.75 34.64
CA LYS B 68 -11.24 -20.41 33.76
C LYS B 68 -11.95 -20.94 32.52
N ALA B 69 -13.13 -21.54 32.73
CA ALA B 69 -13.90 -22.10 31.63
C ALA B 69 -14.42 -21.00 30.70
N GLN B 70 -14.84 -19.89 31.29
CA GLN B 70 -15.34 -18.76 30.51
C GLN B 70 -14.21 -18.21 29.65
N PHE B 71 -13.04 -18.06 30.26
CA PHE B 71 -11.86 -17.55 29.58
C PHE B 71 -11.44 -18.43 28.40
N LEU B 72 -11.30 -19.72 28.67
CA LEU B 72 -10.91 -20.66 27.62
C LEU B 72 -11.89 -20.68 26.46
N SER B 73 -13.18 -20.64 26.78
CA SER B 73 -14.23 -20.66 25.75
C SER B 73 -14.17 -19.40 24.87
N LEU B 74 -14.00 -18.24 25.50
CA LEU B 74 -13.94 -16.99 24.76
C LEU B 74 -12.85 -16.97 23.70
N TYR B 75 -11.70 -17.55 24.01
CA TYR B 75 -10.57 -17.55 23.10
C TYR B 75 -10.45 -18.77 22.17
N PHE B 76 -10.72 -19.96 22.70
CA PHE B 76 -10.52 -21.16 21.89
C PHE B 76 -11.72 -21.96 21.41
N SER B 77 -12.92 -21.54 21.77
CA SER B 77 -14.13 -22.23 21.32
C SER B 77 -14.36 -21.94 19.84
N ALA B 78 -14.85 -22.93 19.11
CA ALA B 78 -15.12 -22.76 17.69
C ALA B 78 -16.23 -21.74 17.47
N GLN B 79 -17.05 -21.53 18.49
CA GLN B 79 -18.15 -20.58 18.41
C GLN B 79 -17.75 -19.18 18.87
N GLU B 80 -16.51 -19.02 19.31
CA GLU B 80 -16.02 -17.72 19.75
C GLU B 80 -14.83 -17.31 18.89
N HIS B 81 -13.74 -16.85 19.51
CA HIS B 81 -12.59 -16.42 18.72
C HIS B 81 -11.89 -17.51 17.94
N ASN B 82 -12.09 -18.76 18.34
CA ASN B 82 -11.51 -19.89 17.62
C ASN B 82 -10.03 -19.70 17.28
N TYR B 83 -9.23 -19.31 18.27
CA TYR B 83 -7.80 -19.11 18.03
C TYR B 83 -7.17 -20.39 17.48
N THR B 84 -6.38 -20.25 16.42
CA THR B 84 -5.74 -21.39 15.77
C THR B 84 -4.22 -21.35 15.84
N LEU B 85 -3.67 -20.24 16.33
CA LEU B 85 -2.22 -20.08 16.46
C LEU B 85 -1.88 -19.66 17.89
N ALA B 86 -0.61 -19.80 18.25
CA ALA B 86 -0.15 -19.37 19.56
C ALA B 86 1.38 -19.29 19.57
N ARG B 87 1.91 -18.50 20.50
CA ARG B 87 3.35 -18.38 20.66
C ARG B 87 3.59 -18.49 22.16
N MET B 88 4.74 -19.08 22.54
CA MET B 88 5.08 -19.25 23.94
C MET B 88 6.59 -19.17 24.07
N PRO B 89 7.09 -18.81 25.26
CA PRO B 89 8.53 -18.70 25.47
C PRO B 89 9.28 -19.94 25.93
N ILE B 90 10.51 -20.07 25.43
CA ILE B 90 11.39 -21.17 25.81
C ILE B 90 12.24 -20.48 26.86
N GLN B 91 11.97 -20.82 28.13
CA GLN B 91 12.60 -20.25 29.30
C GLN B 91 11.91 -18.89 29.54
N SER B 92 12.39 -18.12 30.51
CA SER B 92 11.75 -16.85 30.84
C SER B 92 11.81 -15.69 29.85
N CYS B 93 10.78 -14.84 29.91
CA CYS B 93 10.68 -13.62 29.13
C CYS B 93 10.32 -12.56 30.17
N ASP B 94 10.11 -11.31 29.78
CA ASP B 94 9.78 -10.30 30.77
C ASP B 94 8.46 -10.59 31.49
N PHE B 95 7.51 -11.20 30.78
CA PHE B 95 6.25 -11.52 31.43
C PHE B 95 6.35 -12.86 32.15
N SER B 96 7.15 -12.83 33.21
CA SER B 96 7.40 -13.98 34.06
C SER B 96 7.57 -13.44 35.47
N LEU B 97 7.48 -14.31 36.47
CA LEU B 97 7.64 -13.88 37.85
C LEU B 97 9.09 -13.49 38.11
N GLY B 98 9.97 -13.96 37.23
CA GLY B 98 11.40 -13.68 37.35
C GLY B 98 12.15 -14.49 36.32
N ASN B 99 13.48 -14.34 36.25
CA ASN B 99 14.26 -15.10 35.29
C ASN B 99 14.31 -16.58 35.67
N TYR B 100 14.33 -17.45 34.67
CA TYR B 100 14.43 -18.88 34.92
C TYR B 100 14.91 -19.63 33.68
N ALA B 101 15.79 -20.59 33.90
CA ALA B 101 16.33 -21.41 32.82
C ALA B 101 16.08 -22.87 33.19
N TYR B 102 16.20 -23.76 32.22
CA TYR B 102 15.96 -25.18 32.46
C TYR B 102 17.19 -25.86 33.08
N VAL B 103 18.32 -25.17 33.05
CA VAL B 103 19.57 -25.68 33.62
C VAL B 103 20.52 -24.48 33.80
N ASP B 104 21.37 -24.51 34.83
CA ASP B 104 22.26 -23.38 35.08
C ASP B 104 23.77 -23.59 35.22
N SER B 105 24.27 -24.73 34.77
CA SER B 105 25.70 -25.01 34.83
C SER B 105 25.98 -26.06 33.77
N SER B 106 27.15 -25.99 33.13
CA SER B 106 27.49 -26.97 32.10
C SER B 106 27.55 -28.37 32.67
N ALA B 107 27.80 -28.47 33.98
CA ALA B 107 27.87 -29.77 34.64
C ALA B 107 26.48 -30.41 34.74
N ASP B 108 25.48 -29.61 35.12
CA ASP B 108 24.12 -30.12 35.23
C ASP B 108 23.55 -30.49 33.87
N LEU B 109 23.87 -29.68 32.86
CA LEU B 109 23.39 -29.93 31.51
C LEU B 109 23.98 -31.25 31.03
N GLN B 110 25.30 -31.37 31.23
CA GLN B 110 26.05 -32.56 30.85
C GLN B 110 25.38 -33.82 31.38
N GLN B 111 24.89 -33.76 32.61
CA GLN B 111 24.27 -34.91 33.24
C GLN B 111 22.75 -34.99 33.07
N GLY B 112 22.21 -34.18 32.17
CA GLY B 112 20.79 -34.20 31.90
C GLY B 112 19.90 -33.74 33.04
N ARG B 113 20.42 -32.89 33.91
CA ARG B 113 19.62 -32.39 35.03
C ARG B 113 18.91 -31.08 34.67
N LEU B 114 17.80 -31.19 33.96
CA LEU B 114 17.02 -30.01 33.58
C LEU B 114 15.75 -29.98 34.43
N SER B 115 15.25 -28.76 34.66
CA SER B 115 14.03 -28.62 35.45
C SER B 115 12.99 -27.81 34.68
N PHE B 116 11.80 -28.40 34.54
CA PHE B 116 10.69 -27.74 33.85
C PHE B 116 9.56 -27.51 34.85
N SER B 117 9.90 -27.49 36.14
CA SER B 117 8.91 -27.31 37.18
C SER B 117 8.01 -26.08 37.01
N ARG B 118 8.62 -24.94 36.71
CA ARG B 118 7.83 -23.73 36.54
C ARG B 118 6.92 -23.78 35.33
N ASP B 119 7.40 -24.36 34.23
CA ASP B 119 6.56 -24.47 33.04
C ASP B 119 5.40 -25.40 33.35
N GLU B 120 5.69 -26.50 34.05
CA GLU B 120 4.65 -27.47 34.38
C GLU B 120 3.62 -26.86 35.32
N ALA B 121 4.04 -25.93 36.16
CA ALA B 121 3.13 -25.29 37.09
C ALA B 121 2.40 -24.07 36.54
N HIS B 122 3.07 -23.27 35.71
CA HIS B 122 2.48 -22.05 35.20
C HIS B 122 2.07 -21.95 33.73
N LEU B 123 2.67 -22.76 32.87
CA LEU B 123 2.36 -22.70 31.44
C LEU B 123 1.53 -23.88 30.92
N ILE B 124 2.02 -25.09 31.20
CA ILE B 124 1.34 -26.27 30.70
C ILE B 124 -0.14 -26.40 31.06
N PRO B 125 -0.54 -26.00 32.28
CA PRO B 125 -1.97 -26.12 32.60
C PRO B 125 -2.83 -25.26 31.66
N LEU B 126 -2.39 -24.03 31.43
CA LEU B 126 -3.11 -23.10 30.56
C LEU B 126 -3.15 -23.63 29.13
N ILE B 127 -2.00 -24.04 28.63
CA ILE B 127 -1.88 -24.56 27.27
C ILE B 127 -2.76 -25.78 27.07
N SER B 128 -2.68 -26.73 28.00
CA SER B 128 -3.46 -27.94 27.92
C SER B 128 -4.95 -27.62 27.87
N GLY B 129 -5.38 -26.63 28.67
CA GLY B 129 -6.77 -26.24 28.68
C GLY B 129 -7.24 -25.71 27.33
N ALA B 130 -6.36 -24.97 26.66
CA ALA B 130 -6.69 -24.42 25.35
C ALA B 130 -6.74 -25.56 24.33
N LEU B 131 -5.76 -26.45 24.41
CA LEU B 131 -5.69 -27.59 23.49
C LEU B 131 -6.96 -28.45 23.60
N ARG B 132 -7.56 -28.47 24.78
CA ARG B 132 -8.78 -29.24 24.99
C ARG B 132 -9.91 -28.73 24.11
N LEU B 133 -9.97 -27.42 23.93
CA LEU B 133 -11.02 -26.82 23.09
C LEU B 133 -10.64 -26.86 21.61
N ASN B 134 -9.35 -26.71 21.32
CA ASN B 134 -8.88 -26.79 19.95
C ASN B 134 -7.58 -27.59 19.92
N PRO B 135 -7.69 -28.91 19.75
CA PRO B 135 -6.56 -29.84 19.71
C PRO B 135 -5.62 -29.62 18.52
N HIS B 136 -6.09 -28.86 17.53
CA HIS B 136 -5.29 -28.62 16.34
C HIS B 136 -4.58 -27.28 16.26
N MET B 137 -4.44 -26.60 17.39
CA MET B 137 -3.75 -25.32 17.40
C MET B 137 -2.32 -25.49 16.92
N LYS B 138 -1.84 -24.52 16.14
CA LYS B 138 -0.47 -24.55 15.65
C LYS B 138 0.35 -23.73 16.65
N LEU B 139 1.18 -24.39 17.44
CA LEU B 139 1.97 -23.72 18.45
C LEU B 139 3.38 -23.37 18.02
N MET B 140 3.83 -22.18 18.42
CA MET B 140 5.17 -21.70 18.09
C MET B 140 5.91 -21.36 19.38
N ALA B 141 7.18 -21.76 19.45
CA ALA B 141 8.00 -21.48 20.64
C ALA B 141 9.19 -20.61 20.27
N SER B 142 9.47 -19.62 21.11
CA SER B 142 10.59 -18.71 20.87
C SER B 142 11.33 -18.40 22.18
N PRO B 143 12.67 -18.36 22.12
CA PRO B 143 13.45 -18.07 23.33
C PRO B 143 13.75 -16.58 23.44
N TRP B 144 13.79 -16.06 24.67
CA TRP B 144 14.14 -14.67 24.90
C TRP B 144 15.63 -14.69 25.30
N SER B 145 16.07 -15.78 25.91
CA SER B 145 17.47 -15.90 26.31
C SER B 145 17.94 -17.29 26.73
N PRO B 146 19.17 -17.66 26.33
CA PRO B 146 19.72 -18.97 26.70
C PRO B 146 20.04 -18.84 28.19
N PRO B 147 20.45 -19.93 28.85
CA PRO B 147 20.78 -19.84 30.28
C PRO B 147 21.92 -18.84 30.48
N ALA B 148 21.98 -18.21 31.65
CA ALA B 148 23.03 -17.23 31.91
C ALA B 148 24.44 -17.75 31.64
N PHE B 149 24.76 -18.94 32.12
CA PHE B 149 26.11 -19.49 31.94
C PHE B 149 26.51 -19.73 30.48
N MET B 150 25.54 -19.73 29.57
CA MET B 150 25.84 -19.95 28.16
C MET B 150 26.07 -18.64 27.42
N LYS B 151 26.00 -17.52 28.13
CA LYS B 151 26.17 -16.22 27.51
C LYS B 151 27.46 -15.49 27.89
N THR B 152 27.89 -14.61 27.00
CA THR B 152 29.11 -13.84 27.19
C THR B 152 29.03 -12.84 28.34
N ASN B 153 27.82 -12.53 28.78
CA ASN B 153 27.64 -11.59 29.88
C ASN B 153 27.17 -12.30 31.16
N ASN B 154 27.08 -13.63 31.08
CA ASN B 154 26.64 -14.47 32.18
C ASN B 154 25.39 -13.91 32.87
N ASP B 155 24.45 -13.41 32.07
CA ASP B 155 23.21 -12.86 32.60
C ASP B 155 22.11 -13.04 31.56
N MET B 156 20.94 -13.50 31.97
CA MET B 156 19.84 -13.69 31.03
C MET B 156 19.34 -12.33 30.54
N ASN B 157 19.47 -11.31 31.39
CA ASN B 157 19.04 -9.96 31.04
C ASN B 157 20.21 -9.15 30.49
N GLY B 158 19.91 -7.98 29.93
CA GLY B 158 20.93 -7.10 29.43
C GLY B 158 21.70 -7.45 28.18
N GLY B 159 21.09 -8.22 27.29
CA GLY B 159 21.76 -8.58 26.06
C GLY B 159 22.80 -9.67 26.19
N GLY B 160 23.98 -9.42 25.63
CA GLY B 160 25.04 -10.42 25.65
C GLY B 160 24.71 -11.37 24.51
N LYS B 161 25.56 -12.36 24.27
CA LYS B 161 25.27 -13.31 23.21
C LYS B 161 25.66 -14.73 23.55
N LEU B 162 25.11 -15.68 22.81
CA LEU B 162 25.38 -17.08 23.02
C LEU B 162 26.84 -17.39 22.77
N ARG B 163 27.50 -18.00 23.75
CA ARG B 163 28.90 -18.36 23.56
C ARG B 163 28.96 -19.36 22.40
N ARG B 164 29.94 -19.18 21.52
CA ARG B 164 30.07 -20.07 20.37
C ARG B 164 30.21 -21.52 20.77
N GLU B 165 30.91 -21.77 21.87
CA GLU B 165 31.10 -23.14 22.32
C GLU B 165 29.85 -23.72 22.95
N CYS B 166 28.77 -22.93 23.00
CA CYS B 166 27.52 -23.39 23.59
C CYS B 166 26.37 -23.55 22.58
N TYR B 167 26.66 -23.35 21.29
CA TYR B 167 25.62 -23.50 20.27
C TYR B 167 24.98 -24.89 20.33
N ALA B 168 25.81 -25.93 20.33
CA ALA B 168 25.30 -27.29 20.39
C ALA B 168 24.47 -27.53 21.64
N ASP B 169 24.95 -27.05 22.78
CA ASP B 169 24.22 -27.25 24.03
C ASP B 169 22.89 -26.51 24.08
N TRP B 170 22.86 -25.28 23.59
CA TRP B 170 21.61 -24.50 23.59
C TRP B 170 20.61 -25.21 22.68
N ALA B 171 21.08 -25.69 21.54
CA ALA B 171 20.21 -26.42 20.62
C ALA B 171 19.64 -27.66 21.29
N ASP B 172 20.46 -28.37 22.06
CA ASP B 172 19.99 -29.57 22.76
C ASP B 172 18.91 -29.22 23.78
N ILE B 173 19.10 -28.10 24.48
CA ILE B 173 18.10 -27.68 25.48
C ILE B 173 16.77 -27.45 24.76
N ILE B 174 16.83 -26.80 23.61
CA ILE B 174 15.62 -26.53 22.85
C ILE B 174 14.94 -27.84 22.46
N ILE B 175 15.73 -28.84 22.08
CA ILE B 175 15.17 -30.15 21.73
C ILE B 175 14.52 -30.77 22.97
N ASN B 176 15.22 -30.67 24.10
CA ASN B 176 14.71 -31.22 25.36
C ASN B 176 13.40 -30.54 25.73
N TYR B 177 13.31 -29.24 25.48
CA TYR B 177 12.09 -28.49 25.75
C TYR B 177 10.95 -29.09 24.92
N LEU B 178 11.22 -29.31 23.63
CA LEU B 178 10.23 -29.89 22.74
C LEU B 178 9.80 -31.29 23.19
N LEU B 179 10.75 -32.10 23.65
CA LEU B 179 10.42 -33.44 24.11
C LEU B 179 9.63 -33.37 25.41
N GLU B 180 9.97 -32.41 26.26
CA GLU B 180 9.27 -32.21 27.53
C GLU B 180 7.81 -31.91 27.24
N TYR B 181 7.57 -30.93 26.37
CA TYR B 181 6.20 -30.57 26.02
C TYR B 181 5.46 -31.71 25.32
N ARG B 182 6.17 -32.47 24.49
CA ARG B 182 5.53 -33.59 23.79
C ARG B 182 5.02 -34.63 24.79
N ARG B 183 5.81 -34.90 25.81
CA ARG B 183 5.41 -35.87 26.84
C ARG B 183 4.20 -35.40 27.63
N HIS B 184 3.85 -34.13 27.46
CA HIS B 184 2.69 -33.56 28.14
C HIS B 184 1.56 -33.31 27.15
N GLY B 185 1.62 -33.98 26.01
CA GLY B 185 0.60 -33.85 25.00
C GLY B 185 0.57 -32.52 24.25
N ILE B 186 1.69 -31.81 24.24
CA ILE B 186 1.76 -30.53 23.54
C ILE B 186 2.77 -30.57 22.41
N ASN B 187 2.28 -30.50 21.18
CA ASN B 187 3.16 -30.56 20.02
C ASN B 187 3.40 -29.18 19.42
N VAL B 188 4.67 -28.85 19.22
CA VAL B 188 5.09 -27.58 18.66
C VAL B 188 5.33 -27.72 17.16
N GLN B 189 4.83 -26.78 16.38
CA GLN B 189 5.01 -26.84 14.93
C GLN B 189 5.92 -25.76 14.37
N ALA B 190 6.28 -24.78 15.20
CA ALA B 190 7.14 -23.71 14.73
C ALA B 190 8.04 -23.15 15.83
N LEU B 191 9.16 -22.58 15.40
CA LEU B 191 10.14 -21.98 16.31
C LEU B 191 10.72 -20.74 15.65
N SER B 192 11.30 -19.87 16.46
CA SER B 192 12.02 -18.73 15.95
C SER B 192 13.35 -18.93 16.70
N VAL B 193 14.46 -18.52 16.11
CA VAL B 193 15.76 -18.71 16.74
C VAL B 193 15.94 -17.87 18.00
N GLN B 194 15.45 -16.64 17.96
CA GLN B 194 15.60 -15.73 19.08
C GLN B 194 14.66 -14.54 18.95
N ASN B 195 14.07 -14.15 20.06
CA ASN B 195 13.19 -12.99 20.10
C ASN B 195 14.07 -11.74 20.02
N GLU B 196 13.82 -10.90 19.02
CA GLU B 196 14.55 -9.65 18.85
C GLU B 196 16.08 -9.80 18.98
N PRO B 197 16.70 -10.59 18.11
CA PRO B 197 18.15 -10.85 18.09
C PRO B 197 19.09 -9.66 17.95
N VAL B 198 18.53 -8.46 17.74
CA VAL B 198 19.38 -7.28 17.62
C VAL B 198 19.08 -6.26 18.71
N ALA B 199 18.27 -6.64 19.68
CA ALA B 199 17.90 -5.72 20.74
C ALA B 199 18.28 -6.11 22.17
N VAL B 200 19.00 -5.21 22.83
CA VAL B 200 19.39 -5.42 24.21
C VAL B 200 18.22 -4.90 25.05
N LYS B 201 17.79 -5.68 26.03
CA LYS B 201 16.68 -5.29 26.91
C LYS B 201 17.11 -5.41 28.36
N THR B 202 16.42 -4.71 29.26
CA THR B 202 16.75 -4.80 30.67
C THR B 202 16.27 -6.17 31.15
N TRP B 203 15.44 -6.80 30.35
CA TRP B 203 14.92 -8.13 30.67
C TRP B 203 15.57 -9.16 29.73
N ASP B 204 15.06 -10.40 29.76
CA ASP B 204 15.59 -11.49 28.95
C ASP B 204 15.81 -11.13 27.50
N SER B 205 17.06 -11.22 27.06
CA SER B 205 17.42 -10.89 25.68
C SER B 205 18.75 -11.51 25.31
N CYS B 206 19.00 -11.61 24.01
CA CYS B 206 20.26 -12.19 23.52
C CYS B 206 20.48 -11.76 22.09
N LEU B 207 21.69 -11.27 21.80
CA LEU B 207 22.02 -10.79 20.45
C LEU B 207 22.64 -11.86 19.55
N TYR B 208 22.26 -11.81 18.28
CA TYR B 208 22.77 -12.72 17.25
C TYR B 208 22.94 -11.89 15.98
N SER B 209 24.03 -12.09 15.26
CA SER B 209 24.22 -11.38 13.99
C SER B 209 23.35 -12.24 13.05
N VAL B 210 23.08 -11.76 11.84
CA VAL B 210 22.26 -12.58 10.95
C VAL B 210 22.99 -13.88 10.61
N GLU B 211 24.31 -13.81 10.50
CA GLU B 211 25.11 -15.00 10.21
C GLU B 211 24.96 -16.02 11.33
N GLU B 212 25.04 -15.54 12.57
CA GLU B 212 24.94 -16.40 13.74
C GLU B 212 23.55 -17.01 13.91
N GLU B 213 22.51 -16.19 13.76
CA GLU B 213 21.13 -16.66 13.89
C GLU B 213 20.79 -17.76 12.88
N THR B 214 21.15 -17.52 11.62
CA THR B 214 20.85 -18.50 10.57
C THR B 214 21.69 -19.76 10.72
N ALA B 215 22.93 -19.62 11.16
CA ALA B 215 23.80 -20.79 11.35
C ALA B 215 23.20 -21.66 12.45
N PHE B 216 22.73 -21.03 13.51
CA PHE B 216 22.14 -21.78 14.61
C PHE B 216 20.95 -22.59 14.10
N ALA B 217 20.13 -21.95 13.28
CA ALA B 217 18.96 -22.62 12.72
C ALA B 217 19.31 -23.76 11.80
N VAL B 218 20.18 -23.50 10.83
CA VAL B 218 20.56 -24.48 9.83
C VAL B 218 21.62 -25.51 10.25
N GLN B 219 22.65 -25.07 10.95
CA GLN B 219 23.73 -25.95 11.37
C GLN B 219 23.52 -26.71 12.67
N TYR B 220 22.64 -26.21 13.54
CA TYR B 220 22.40 -26.89 14.81
C TYR B 220 20.98 -27.38 15.04
N LEU B 221 19.99 -26.52 14.84
CA LEU B 221 18.60 -26.93 15.05
C LEU B 221 18.09 -27.97 14.06
N ARG B 222 18.26 -27.71 12.77
CA ARG B 222 17.77 -28.62 11.75
C ARG B 222 18.19 -30.08 11.91
N PRO B 223 19.51 -30.34 12.04
CA PRO B 223 19.98 -31.72 12.21
C PRO B 223 19.30 -32.44 13.39
N ARG B 224 19.26 -31.78 14.53
CA ARG B 224 18.66 -32.34 15.73
C ARG B 224 17.16 -32.59 15.60
N LEU B 225 16.46 -31.67 14.93
CA LEU B 225 15.03 -31.84 14.75
C LEU B 225 14.77 -33.06 13.86
N ALA B 226 15.60 -33.22 12.84
CA ALA B 226 15.46 -34.34 11.91
C ALA B 226 15.63 -35.68 12.63
N ARG B 227 16.62 -35.76 13.51
CA ARG B 227 16.87 -37.01 14.24
C ARG B 227 15.79 -37.33 15.26
N GLN B 228 14.91 -36.37 15.53
CA GLN B 228 13.82 -36.57 16.46
C GLN B 228 12.51 -36.73 15.71
N GLY B 229 12.60 -36.75 14.38
CA GLY B 229 11.40 -36.89 13.56
C GLY B 229 10.58 -35.61 13.53
N MET B 230 11.25 -34.48 13.73
CA MET B 230 10.57 -33.19 13.74
C MET B 230 10.98 -32.36 12.52
N ASP B 231 11.27 -33.05 11.42
CA ASP B 231 11.69 -32.38 10.19
C ASP B 231 10.66 -31.39 9.64
N GLU B 232 9.38 -31.58 9.96
CA GLU B 232 8.33 -30.69 9.47
C GLU B 232 8.26 -29.37 10.22
N MET B 233 9.06 -29.24 11.27
CA MET B 233 9.11 -28.03 12.07
C MET B 233 9.40 -26.79 11.22
N GLU B 234 8.66 -25.72 11.43
CA GLU B 234 8.91 -24.49 10.70
C GLU B 234 9.85 -23.65 11.55
N ILE B 235 10.83 -23.02 10.91
CA ILE B 235 11.76 -22.16 11.64
C ILE B 235 11.68 -20.77 11.05
N TYR B 236 11.48 -19.78 11.93
CA TYR B 236 11.39 -18.38 11.52
C TYR B 236 12.58 -17.61 12.08
N ILE B 237 13.02 -16.60 11.35
CA ILE B 237 14.12 -15.76 11.81
C ILE B 237 13.64 -14.30 11.94
N TRP B 238 14.55 -13.43 12.38
CA TRP B 238 14.29 -12.00 12.61
C TRP B 238 13.50 -11.85 13.90
N ASP B 239 12.19 -12.10 13.84
CA ASP B 239 11.34 -12.00 15.02
C ASP B 239 11.53 -10.64 15.70
N HIS B 240 11.51 -9.60 14.89
CA HIS B 240 11.71 -8.23 15.38
C HIS B 240 10.83 -7.26 14.59
N ASP B 241 11.01 -5.96 14.80
CA ASP B 241 10.19 -4.95 14.14
C ASP B 241 10.31 -4.89 12.63
N LYS B 242 9.28 -4.36 11.99
CA LYS B 242 9.23 -4.29 10.53
C LYS B 242 10.21 -3.34 9.83
N ASP B 243 10.77 -2.38 10.55
CA ASP B 243 11.70 -1.43 9.92
C ASP B 243 12.99 -2.06 9.42
N GLY B 244 13.40 -3.19 10.00
CA GLY B 244 14.63 -3.83 9.55
C GLY B 244 14.42 -5.15 8.84
N LEU B 245 13.18 -5.37 8.39
CA LEU B 245 12.80 -6.60 7.71
C LEU B 245 13.54 -6.94 6.42
N VAL B 246 13.51 -6.03 5.45
CA VAL B 246 14.18 -6.29 4.18
C VAL B 246 15.68 -6.46 4.33
N ASP B 247 16.32 -5.57 5.09
CA ASP B 247 17.77 -5.64 5.30
C ASP B 247 18.21 -7.02 5.81
N TRP B 248 17.51 -7.52 6.82
CA TRP B 248 17.83 -8.82 7.41
C TRP B 248 17.58 -9.98 6.44
N ALA B 249 16.41 -9.99 5.80
CA ALA B 249 16.07 -11.05 4.85
C ALA B 249 17.06 -11.12 3.70
N GLU B 250 17.48 -9.95 3.23
CA GLU B 250 18.43 -9.86 2.12
C GLU B 250 19.71 -10.61 2.44
N LEU B 251 20.23 -10.37 3.64
CA LEU B 251 21.46 -11.00 4.08
C LEU B 251 21.28 -12.48 4.43
N ALA B 252 20.15 -12.83 5.02
CA ALA B 252 19.91 -14.21 5.41
C ALA B 252 19.68 -15.17 4.24
N PHE B 253 18.82 -14.79 3.31
CA PHE B 253 18.51 -15.66 2.18
C PHE B 253 19.43 -15.59 0.98
N ALA B 254 20.56 -14.89 1.13
CA ALA B 254 21.53 -14.80 0.05
C ALA B 254 22.26 -16.13 0.01
N ASP B 255 22.21 -16.85 1.13
CA ASP B 255 22.86 -18.15 1.25
C ASP B 255 21.86 -19.28 0.98
N GLU B 256 22.18 -20.13 0.01
CA GLU B 256 21.30 -21.24 -0.35
C GLU B 256 20.94 -22.15 0.81
N ALA B 257 21.89 -22.42 1.70
CA ALA B 257 21.62 -23.29 2.84
C ALA B 257 20.52 -22.70 3.70
N ASN B 258 20.57 -21.40 3.92
CA ASN B 258 19.57 -20.71 4.72
C ASN B 258 18.22 -20.74 4.03
N TYR B 259 18.22 -20.45 2.74
CA TYR B 259 16.96 -20.43 1.99
C TYR B 259 16.25 -21.78 2.11
N LYS B 260 17.01 -22.87 2.01
CA LYS B 260 16.41 -24.19 2.07
C LYS B 260 15.99 -24.65 3.46
N GLY B 261 16.63 -24.13 4.50
CA GLY B 261 16.30 -24.56 5.85
C GLY B 261 15.46 -23.63 6.71
N ILE B 262 15.22 -22.41 6.25
CA ILE B 262 14.44 -21.43 7.01
C ILE B 262 13.12 -21.16 6.27
N ASN B 263 12.00 -21.32 6.98
CA ASN B 263 10.66 -21.14 6.41
C ASN B 263 10.19 -19.71 6.17
N GLY B 264 10.74 -18.75 6.89
CA GLY B 264 10.33 -17.38 6.68
C GLY B 264 10.80 -16.45 7.78
N LEU B 265 10.18 -15.27 7.85
CA LEU B 265 10.54 -14.30 8.88
C LEU B 265 9.33 -13.93 9.73
N ALA B 266 9.57 -13.76 11.02
CA ALA B 266 8.53 -13.36 11.95
C ALA B 266 8.78 -11.88 12.22
N PHE B 267 7.72 -11.12 12.51
CA PHE B 267 7.93 -9.71 12.80
C PHE B 267 6.95 -9.15 13.82
N HIS B 268 7.32 -8.01 14.39
CA HIS B 268 6.53 -7.31 15.41
C HIS B 268 6.14 -5.93 14.88
N TRP B 269 5.36 -5.18 15.65
CA TRP B 269 4.90 -3.87 15.20
C TRP B 269 5.37 -2.67 16.01
N TYR B 270 6.34 -2.88 16.91
CA TYR B 270 6.77 -1.79 17.79
C TYR B 270 7.40 -0.53 17.22
N THR B 271 7.74 -0.51 15.93
CA THR B 271 8.30 0.70 15.34
C THR B 271 7.37 1.28 14.26
N GLY B 272 6.13 0.82 14.22
CA GLY B 272 5.20 1.36 13.25
C GLY B 272 4.80 0.45 12.10
N ASP B 273 4.10 1.05 11.13
CA ASP B 273 3.57 0.36 9.95
C ASP B 273 4.61 -0.36 9.07
N HIS B 274 5.39 0.42 8.33
CA HIS B 274 6.40 -0.12 7.43
C HIS B 274 5.84 -1.27 6.59
N PHE B 275 4.60 -1.13 6.14
CA PHE B 275 3.97 -2.19 5.35
C PHE B 275 4.70 -2.51 4.06
N SER B 276 5.33 -1.50 3.45
CA SER B 276 6.05 -1.72 2.19
C SER B 276 7.13 -2.78 2.28
N GLN B 277 7.78 -2.91 3.42
CA GLN B 277 8.83 -3.91 3.53
C GLN B 277 8.24 -5.33 3.49
N ILE B 278 7.04 -5.49 4.02
CA ILE B 278 6.40 -6.81 3.97
C ILE B 278 6.09 -7.11 2.50
N GLN B 279 5.49 -6.13 1.84
CA GLN B 279 5.11 -6.30 0.44
C GLN B 279 6.31 -6.61 -0.46
N TYR B 280 7.44 -5.95 -0.21
CA TYR B 280 8.63 -6.19 -1.02
C TYR B 280 9.09 -7.64 -0.87
N LEU B 281 9.10 -8.14 0.36
CA LEU B 281 9.52 -9.52 0.60
C LEU B 281 8.50 -10.51 0.05
N ALA B 282 7.22 -10.16 0.13
CA ALA B 282 6.18 -11.05 -0.38
C ALA B 282 6.40 -11.26 -1.88
N GLN B 283 6.93 -10.24 -2.54
CA GLN B 283 7.22 -10.33 -3.97
C GLN B 283 8.52 -11.06 -4.27
N CYS B 284 9.56 -10.76 -3.49
CA CYS B 284 10.87 -11.37 -3.67
C CYS B 284 11.01 -12.79 -3.10
N LEU B 285 10.23 -13.10 -2.08
CA LEU B 285 10.26 -14.41 -1.44
C LEU B 285 8.86 -15.01 -1.35
N PRO B 286 8.19 -15.17 -2.51
CA PRO B 286 6.83 -15.71 -2.56
C PRO B 286 6.62 -17.06 -1.89
N ASP B 287 7.67 -17.87 -1.77
CA ASP B 287 7.54 -19.18 -1.14
C ASP B 287 7.88 -19.20 0.35
N LYS B 288 8.18 -18.03 0.91
CA LYS B 288 8.50 -17.93 2.33
C LYS B 288 7.33 -17.30 3.08
N LYS B 289 7.23 -17.59 4.38
CA LYS B 289 6.14 -17.03 5.17
C LYS B 289 6.55 -15.79 5.95
N LEU B 290 5.70 -14.77 5.92
CA LEU B 290 5.94 -13.52 6.62
C LEU B 290 4.91 -13.46 7.75
N LEU B 291 5.31 -13.93 8.91
CA LEU B 291 4.44 -14.02 10.08
C LEU B 291 4.51 -12.88 11.08
N PHE B 292 3.35 -12.37 11.47
CA PHE B 292 3.32 -11.33 12.49
C PHE B 292 3.28 -12.16 13.78
N SER B 293 4.38 -12.15 14.53
CA SER B 293 4.47 -12.96 15.75
C SER B 293 4.22 -12.30 17.10
N GLU B 294 4.22 -10.98 17.16
CA GLU B 294 3.99 -10.33 18.44
C GLU B 294 3.68 -8.85 18.38
N GLY B 295 2.75 -8.44 19.23
CA GLY B 295 2.37 -7.04 19.31
C GLY B 295 1.49 -6.82 20.52
N CYS B 296 1.58 -5.63 21.10
CA CYS B 296 0.76 -5.28 22.25
C CYS B 296 0.80 -3.77 22.40
N VAL B 297 -0.08 -3.26 23.24
CA VAL B 297 -0.12 -1.82 23.51
C VAL B 297 0.12 -1.70 25.01
N PRO B 298 0.66 -0.56 25.46
CA PRO B 298 0.89 -0.41 26.90
C PRO B 298 -0.38 -0.11 27.68
N MET B 299 -0.28 -0.15 29.00
CA MET B 299 -1.41 0.19 29.85
C MET B 299 -1.50 1.70 29.75
N GLU B 300 -2.69 2.20 29.41
CA GLU B 300 -2.93 3.63 29.29
C GLU B 300 -4.35 3.85 29.77
N SER B 301 -4.55 4.79 30.69
CA SER B 301 -5.88 5.04 31.21
C SER B 301 -6.43 6.43 30.93
N ASP B 302 -5.88 7.10 29.91
CA ASP B 302 -6.35 8.42 29.57
C ASP B 302 -7.57 8.32 28.66
N ALA B 303 -8.29 9.42 28.51
CA ALA B 303 -9.50 9.45 27.69
C ALA B 303 -9.29 8.90 26.29
N GLY B 304 -10.21 8.03 25.86
CA GLY B 304 -10.14 7.43 24.54
C GLY B 304 -9.04 6.41 24.29
N SER B 305 -8.30 6.02 25.32
CA SER B 305 -7.23 5.05 25.14
C SER B 305 -7.70 3.73 24.53
N GLN B 306 -8.92 3.31 24.85
CA GLN B 306 -9.43 2.05 24.28
C GLN B 306 -9.61 2.18 22.78
N ILE B 307 -10.03 3.35 22.32
CA ILE B 307 -10.24 3.58 20.91
C ILE B 307 -8.89 3.56 20.20
N ARG B 308 -7.87 4.10 20.85
CA ARG B 308 -6.53 4.12 20.26
C ARG B 308 -6.01 2.69 20.13
N HIS B 309 -6.27 1.87 21.13
CA HIS B 309 -5.82 0.49 21.11
C HIS B 309 -6.55 -0.28 20.03
N TRP B 310 -7.84 0.01 19.90
CA TRP B 310 -8.70 -0.59 18.88
C TRP B 310 -8.06 -0.26 17.52
N HIS B 311 -7.72 1.02 17.34
CA HIS B 311 -7.09 1.46 16.11
C HIS B 311 -5.77 0.75 15.82
N THR B 312 -4.88 0.71 16.82
CA THR B 312 -3.58 0.09 16.63
C THR B 312 -3.70 -1.34 16.09
N TYR B 313 -4.55 -2.15 16.72
CA TYR B 313 -4.72 -3.53 16.28
C TYR B 313 -5.29 -3.66 14.87
N LEU B 314 -6.42 -3.00 14.62
CA LEU B 314 -7.05 -3.10 13.31
C LEU B 314 -6.18 -2.53 12.19
N HIS B 315 -5.57 -1.36 12.43
CA HIS B 315 -4.73 -0.74 11.43
C HIS B 315 -3.54 -1.60 11.04
N ASP B 316 -2.87 -2.18 12.03
CA ASP B 316 -1.69 -3.00 11.73
C ASP B 316 -2.08 -4.32 11.09
N MET B 317 -3.15 -4.94 11.57
CA MET B 317 -3.61 -6.21 11.01
C MET B 317 -4.01 -6.07 9.55
N ILE B 318 -4.81 -5.06 9.25
CA ILE B 318 -5.26 -4.86 7.86
C ILE B 318 -4.07 -4.59 6.96
N GLY B 319 -3.19 -3.68 7.37
CA GLY B 319 -2.02 -3.37 6.58
C GLY B 319 -1.14 -4.58 6.33
N ASN B 320 -0.89 -5.37 7.38
CA ASN B 320 -0.06 -6.57 7.26
C ASN B 320 -0.59 -7.58 6.25
N PHE B 321 -1.86 -7.95 6.39
CA PHE B 321 -2.45 -8.91 5.47
C PHE B 321 -2.57 -8.41 4.04
N LYS B 322 -2.81 -7.12 3.88
CA LYS B 322 -2.91 -6.54 2.53
C LYS B 322 -1.53 -6.60 1.89
N SER B 323 -0.50 -6.61 2.73
CA SER B 323 0.88 -6.60 2.26
C SER B 323 1.61 -7.92 2.11
N GLY B 324 0.98 -9.04 2.50
CA GLY B 324 1.65 -10.33 2.33
C GLY B 324 1.79 -11.20 3.57
N CYS B 325 1.32 -10.72 4.71
CA CYS B 325 1.42 -11.44 5.98
C CYS B 325 0.76 -12.82 5.96
N SER B 326 1.43 -13.80 6.59
CA SER B 326 0.93 -15.18 6.63
C SER B 326 0.21 -15.60 7.90
N GLY B 327 0.06 -14.68 8.86
CA GLY B 327 -0.60 -15.05 10.10
C GLY B 327 -0.46 -13.99 11.15
N PHE B 328 -1.31 -14.06 12.18
CA PHE B 328 -1.32 -13.08 13.27
C PHE B 328 -1.25 -13.72 14.65
N ILE B 329 -0.28 -13.30 15.46
CA ILE B 329 -0.17 -13.80 16.82
C ILE B 329 -0.01 -12.62 17.76
N ASP B 330 -1.01 -12.41 18.61
CA ASP B 330 -1.00 -11.32 19.59
C ASP B 330 -0.03 -11.73 20.70
N TRP B 331 0.36 -10.78 21.55
CA TRP B 331 1.26 -11.05 22.68
C TRP B 331 0.41 -11.71 23.76
N ASN B 332 0.67 -11.40 25.03
CA ASN B 332 -0.09 -11.98 26.16
C ASN B 332 -1.59 -12.10 25.92
N LEU B 333 -2.10 -13.33 26.06
CA LEU B 333 -3.52 -13.59 25.89
C LEU B 333 -4.27 -12.96 27.05
N LEU B 334 -3.64 -13.01 28.21
CA LEU B 334 -4.26 -12.55 29.43
C LEU B 334 -3.25 -11.98 30.41
N LEU B 335 -3.68 -10.96 31.17
CA LEU B 335 -2.82 -10.35 32.17
C LEU B 335 -3.69 -9.92 33.35
N ASN B 336 -3.05 -9.56 34.46
CA ASN B 336 -3.82 -9.12 35.61
C ASN B 336 -4.33 -7.69 35.40
N SER B 337 -5.11 -7.18 36.34
CA SER B 337 -5.68 -5.83 36.24
C SER B 337 -4.70 -4.70 35.99
N GLU B 338 -3.47 -4.83 36.46
CA GLU B 338 -2.49 -3.77 36.27
C GLU B 338 -1.64 -3.94 35.01
N GLY B 339 -1.78 -5.09 34.36
CA GLY B 339 -1.01 -5.33 33.15
C GLY B 339 0.23 -6.17 33.42
N GLY B 340 0.22 -6.90 34.53
CA GLY B 340 1.33 -7.76 34.88
C GLY B 340 0.87 -9.21 34.96
N PRO B 341 1.66 -10.12 35.55
CA PRO B 341 2.97 -9.92 36.18
C PRO B 341 4.09 -9.74 35.16
N ASN B 342 5.07 -8.91 35.50
CA ASN B 342 6.21 -8.66 34.63
C ASN B 342 7.38 -8.38 35.56
N HIS B 343 8.49 -9.11 35.40
CA HIS B 343 9.63 -8.93 36.29
C HIS B 343 10.52 -7.72 36.05
N GLN B 344 10.11 -6.84 35.14
CA GLN B 344 10.87 -5.62 34.88
C GLN B 344 9.94 -4.42 34.81
N GLY B 345 8.74 -4.59 35.35
CA GLY B 345 7.76 -3.51 35.37
C GLY B 345 7.27 -3.05 34.01
N ASN B 346 7.44 -3.88 32.99
CA ASN B 346 6.99 -3.53 31.64
C ASN B 346 5.52 -3.91 31.49
N LEU B 347 4.65 -3.17 32.18
CA LEU B 347 3.20 -3.43 32.17
C LEU B 347 2.55 -3.14 30.81
N CYS B 348 1.77 -4.11 30.33
CA CYS B 348 1.08 -3.96 29.04
C CYS B 348 -0.37 -4.37 29.16
N GLU B 349 -1.18 -3.95 28.20
CA GLU B 349 -2.58 -4.34 28.19
C GLU B 349 -2.64 -5.67 27.42
N ALA B 350 -3.66 -6.46 27.69
CA ALA B 350 -3.88 -7.72 26.99
C ALA B 350 -5.36 -7.66 26.60
N PRO B 351 -5.75 -8.29 25.47
CA PRO B 351 -7.16 -8.26 25.05
C PRO B 351 -8.13 -8.67 26.17
N ILE B 352 -7.67 -9.51 27.09
CA ILE B 352 -8.48 -9.90 28.21
C ILE B 352 -7.66 -9.73 29.49
N GLN B 353 -8.26 -9.10 30.49
CA GLN B 353 -7.61 -8.92 31.77
C GLN B 353 -8.53 -9.44 32.86
N TYR B 354 -7.93 -10.04 33.88
CA TYR B 354 -8.68 -10.62 34.97
C TYR B 354 -8.47 -9.88 36.27
N ASP B 355 -9.55 -9.62 37.00
CA ASP B 355 -9.43 -8.94 38.28
C ASP B 355 -9.72 -9.98 39.36
N ALA B 356 -8.66 -10.41 40.03
CA ALA B 356 -8.77 -11.43 41.07
C ALA B 356 -9.53 -10.94 42.31
N GLN B 357 -9.59 -9.63 42.49
CA GLN B 357 -10.29 -9.05 43.64
C GLN B 357 -11.73 -9.52 43.73
N ASN B 358 -12.46 -9.41 42.62
CA ASN B 358 -13.85 -9.82 42.60
C ASN B 358 -14.14 -10.86 41.53
N ASP B 359 -13.12 -11.60 41.14
CA ASP B 359 -13.26 -12.67 40.15
C ASP B 359 -14.00 -12.18 38.90
N VAL B 360 -13.56 -11.03 38.38
CA VAL B 360 -14.17 -10.45 37.18
C VAL B 360 -13.22 -10.45 35.99
N LEU B 361 -13.73 -10.92 34.86
CA LEU B 361 -12.96 -10.98 33.63
C LEU B 361 -13.42 -9.84 32.72
N ARG B 362 -12.49 -9.12 32.12
CA ARG B 362 -12.89 -8.04 31.23
C ARG B 362 -12.22 -8.10 29.86
N ARG B 363 -13.03 -7.85 28.85
CA ARG B 363 -12.57 -7.86 27.46
C ARG B 363 -12.36 -6.42 27.02
N ASN B 364 -11.12 -6.09 26.64
CA ASN B 364 -10.83 -4.74 26.18
C ASN B 364 -11.21 -4.62 24.70
N HIS B 365 -11.26 -3.39 24.20
CA HIS B 365 -11.63 -3.16 22.81
C HIS B 365 -10.84 -4.02 21.83
N SER B 366 -9.56 -4.20 22.11
CA SER B 366 -8.69 -4.99 21.23
C SER B 366 -9.20 -6.41 21.02
N TRP B 367 -9.85 -6.97 22.02
CA TRP B 367 -10.38 -8.32 21.89
C TRP B 367 -11.40 -8.35 20.76
N TYR B 368 -12.29 -7.36 20.74
CA TYR B 368 -13.31 -7.30 19.70
C TYR B 368 -12.73 -7.00 18.33
N GLY B 369 -11.69 -6.17 18.30
CA GLY B 369 -11.06 -5.83 17.04
C GLY B 369 -10.46 -7.07 16.39
N ILE B 370 -9.74 -7.85 17.17
CA ILE B 370 -9.13 -9.07 16.67
C ILE B 370 -10.23 -10.01 16.18
N GLY B 371 -11.36 -10.01 16.89
CA GLY B 371 -12.48 -10.87 16.52
C GLY B 371 -13.01 -10.62 15.12
N HIS B 372 -12.91 -9.39 14.65
CA HIS B 372 -13.38 -9.08 13.31
C HIS B 372 -12.65 -9.92 12.26
N PHE B 373 -11.50 -10.47 12.65
CA PHE B 373 -10.71 -11.33 11.77
C PHE B 373 -10.83 -12.81 12.15
N CYS B 374 -10.32 -13.13 13.34
CA CYS B 374 -10.26 -14.50 13.84
C CYS B 374 -11.53 -15.32 13.97
N ARG B 375 -12.68 -14.67 14.15
CA ARG B 375 -13.92 -15.42 14.29
C ARG B 375 -14.48 -15.84 12.93
N TYR B 376 -13.91 -15.32 11.85
CA TYR B 376 -14.43 -15.62 10.52
C TYR B 376 -13.45 -16.16 9.48
N VAL B 377 -12.17 -15.85 9.64
CA VAL B 377 -11.17 -16.32 8.69
C VAL B 377 -10.52 -17.62 9.19
N ARG B 378 -10.57 -18.66 8.38
CA ARG B 378 -10.01 -19.96 8.76
C ARG B 378 -8.60 -20.21 8.25
N PRO B 379 -7.85 -21.07 8.95
CA PRO B 379 -6.48 -21.38 8.52
C PRO B 379 -6.52 -21.92 7.10
N GLY B 380 -5.56 -21.51 6.27
CA GLY B 380 -5.54 -21.97 4.89
C GLY B 380 -6.21 -20.99 3.94
N ALA B 381 -6.90 -20.00 4.50
CA ALA B 381 -7.58 -19.00 3.69
C ALA B 381 -6.54 -18.22 2.91
N ARG B 382 -6.96 -17.59 1.82
CA ARG B 382 -6.07 -16.78 1.03
C ARG B 382 -6.60 -15.36 0.95
N VAL B 383 -5.70 -14.38 1.01
CA VAL B 383 -6.11 -13.00 0.91
C VAL B 383 -6.57 -12.80 -0.54
N MET B 384 -7.61 -12.00 -0.76
CA MET B 384 -8.10 -11.76 -2.12
C MET B 384 -7.74 -10.35 -2.54
N LEU B 385 -7.66 -10.13 -3.85
CA LEU B 385 -7.37 -8.79 -4.36
C LEU B 385 -8.58 -7.89 -4.12
N SER B 386 -8.32 -6.67 -3.65
CA SER B 386 -9.39 -5.71 -3.41
C SER B 386 -8.77 -4.31 -3.40
N SER B 387 -9.59 -3.29 -3.57
CA SER B 387 -9.11 -1.92 -3.56
C SER B 387 -10.18 -0.97 -3.03
N SER B 388 -9.73 0.11 -2.39
CA SER B 388 -10.64 1.10 -1.81
C SER B 388 -10.48 2.47 -2.47
N TYR B 389 -11.61 3.15 -2.65
CA TYR B 389 -11.63 4.48 -3.26
C TYR B 389 -11.01 5.53 -2.34
N ASP B 390 -10.90 5.20 -1.06
CA ASP B 390 -10.35 6.14 -0.06
C ASP B 390 -9.60 5.31 0.97
N ASN B 391 -8.28 5.45 1.04
CA ASN B 391 -7.55 4.62 1.99
C ASN B 391 -7.80 4.91 3.47
N LEU B 392 -8.68 5.86 3.78
CA LEU B 392 -9.03 6.10 5.18
C LEU B 392 -9.99 4.97 5.53
N LEU B 393 -10.57 4.38 4.49
CA LEU B 393 -11.46 3.23 4.64
C LEU B 393 -10.52 2.06 4.37
N GLU B 394 -9.92 1.56 5.44
CA GLU B 394 -8.98 0.45 5.37
C GLU B 394 -9.70 -0.87 5.19
N GLU B 395 -9.20 -1.70 4.31
CA GLU B 395 -9.86 -2.97 4.07
C GLU B 395 -8.96 -4.08 3.55
N VAL B 396 -9.35 -5.31 3.86
CA VAL B 396 -8.63 -6.48 3.39
C VAL B 396 -9.63 -7.62 3.33
N GLY B 397 -9.55 -8.42 2.28
CA GLY B 397 -10.48 -9.53 2.13
C GLY B 397 -9.80 -10.88 2.00
N PHE B 398 -10.56 -11.93 2.31
CA PHE B 398 -10.05 -13.30 2.27
C PHE B 398 -11.09 -14.22 1.63
N VAL B 399 -10.61 -15.39 1.21
CA VAL B 399 -11.48 -16.42 0.67
C VAL B 399 -11.10 -17.65 1.47
N ASN B 400 -12.03 -18.13 2.31
CA ASN B 400 -11.76 -19.31 3.12
C ASN B 400 -11.64 -20.54 2.24
N PRO B 401 -11.05 -21.63 2.76
CA PRO B 401 -10.89 -22.86 1.99
C PRO B 401 -12.19 -23.38 1.37
N ASP B 402 -13.31 -23.15 2.05
CA ASP B 402 -14.60 -23.61 1.52
C ASP B 402 -15.25 -22.63 0.56
N GLY B 403 -14.50 -21.60 0.16
CA GLY B 403 -15.02 -20.62 -0.78
C GLY B 403 -15.69 -19.39 -0.22
N GLU B 404 -15.94 -19.36 1.09
CA GLU B 404 -16.61 -18.21 1.68
C GLU B 404 -15.74 -16.96 1.56
N ARG B 405 -16.36 -15.86 1.14
CA ARG B 405 -15.65 -14.59 1.03
C ARG B 405 -15.79 -13.84 2.34
N VAL B 406 -14.70 -13.23 2.78
CA VAL B 406 -14.70 -12.46 4.03
C VAL B 406 -14.01 -11.11 3.79
N LEU B 407 -14.70 -10.02 4.08
CA LEU B 407 -14.13 -8.69 3.90
C LEU B 407 -14.16 -7.90 5.19
N VAL B 408 -13.01 -7.39 5.61
CA VAL B 408 -12.94 -6.58 6.81
C VAL B 408 -12.75 -5.14 6.36
N VAL B 409 -13.56 -4.23 6.91
CA VAL B 409 -13.48 -2.82 6.57
C VAL B 409 -13.41 -2.01 7.86
N TYR B 410 -12.47 -1.07 7.92
CA TYR B 410 -12.27 -0.22 9.09
C TYR B 410 -12.23 1.24 8.67
N ASN B 411 -13.10 2.05 9.27
CA ASN B 411 -13.17 3.48 8.95
C ASN B 411 -12.37 4.31 9.93
N ARG B 412 -11.17 4.74 9.54
CA ARG B 412 -10.35 5.53 10.44
C ARG B 412 -10.64 7.02 10.37
N ASP B 413 -11.57 7.42 9.50
CA ASP B 413 -11.93 8.82 9.38
C ASP B 413 -12.66 9.23 10.66
N VAL B 414 -12.75 10.54 10.91
CA VAL B 414 -13.41 11.05 12.11
C VAL B 414 -14.90 11.31 11.91
N GLN B 415 -15.42 10.93 10.75
CA GLN B 415 -16.83 11.12 10.48
C GLN B 415 -17.40 9.85 9.88
N GLU B 416 -18.72 9.74 9.89
CA GLU B 416 -19.39 8.57 9.32
C GLU B 416 -19.01 8.50 7.84
N ARG B 417 -18.75 7.29 7.34
CA ARG B 417 -18.38 7.12 5.95
C ARG B 417 -19.19 6.02 5.27
N ARG B 418 -19.35 6.16 3.96
CA ARG B 418 -20.09 5.19 3.17
C ARG B 418 -19.18 4.54 2.15
N CYS B 419 -19.56 3.32 1.74
CA CYS B 419 -18.80 2.61 0.73
C CYS B 419 -19.72 1.57 0.12
N ARG B 420 -19.41 1.19 -1.11
CA ARG B 420 -20.19 0.17 -1.80
C ARG B 420 -19.24 -0.97 -2.11
N VAL B 421 -19.43 -2.11 -1.45
CA VAL B 421 -18.59 -3.27 -1.70
C VAL B 421 -19.09 -3.80 -3.04
N LEU B 422 -18.18 -3.85 -4.02
CA LEU B 422 -18.54 -4.29 -5.36
C LEU B 422 -17.87 -5.61 -5.74
N ASP B 423 -18.70 -6.63 -5.96
CA ASP B 423 -18.22 -7.95 -6.35
C ASP B 423 -18.84 -8.28 -7.72
N GLY B 424 -18.08 -8.03 -8.78
CA GLY B 424 -18.59 -8.29 -10.12
C GLY B 424 -19.75 -7.37 -10.44
N ASP B 425 -20.92 -7.95 -10.69
CA ASP B 425 -22.09 -7.13 -11.02
C ASP B 425 -23.04 -7.01 -9.82
N LYS B 426 -22.51 -7.26 -8.63
CA LYS B 426 -23.30 -7.18 -7.41
C LYS B 426 -22.65 -6.20 -6.43
N GLU B 427 -23.46 -5.51 -5.65
CA GLU B 427 -22.93 -4.56 -4.68
C GLU B 427 -23.78 -4.49 -3.42
N ILE B 428 -23.20 -3.92 -2.36
CA ILE B 428 -23.91 -3.74 -1.11
C ILE B 428 -23.34 -2.48 -0.47
N ALA B 429 -24.22 -1.52 -0.18
CA ALA B 429 -23.80 -0.28 0.43
C ALA B 429 -23.67 -0.42 1.94
N LEU B 430 -22.54 0.03 2.47
CA LEU B 430 -22.29 -0.03 3.90
C LEU B 430 -22.01 1.36 4.44
N THR B 431 -22.41 1.60 5.68
CA THR B 431 -22.17 2.88 6.33
C THR B 431 -21.45 2.57 7.63
N LEU B 432 -20.30 3.20 7.85
CA LEU B 432 -19.54 2.95 9.07
C LEU B 432 -19.37 4.21 9.90
N PRO B 433 -19.58 4.10 11.22
CA PRO B 433 -19.43 5.27 12.09
C PRO B 433 -17.94 5.50 12.27
N PRO B 434 -17.55 6.62 12.88
CA PRO B 434 -16.12 6.91 13.08
C PRO B 434 -15.46 5.74 13.81
N SER B 435 -14.31 5.30 13.28
CA SER B 435 -13.56 4.18 13.86
C SER B 435 -14.33 2.87 13.84
N GLY B 436 -15.45 2.85 13.12
CA GLY B 436 -16.24 1.63 13.04
C GLY B 436 -15.56 0.56 12.21
N ALA B 437 -15.91 -0.69 12.46
CA ALA B 437 -15.37 -1.81 11.71
C ALA B 437 -16.51 -2.75 11.35
N SER B 438 -16.40 -3.39 10.20
CA SER B 438 -17.41 -4.32 9.76
C SER B 438 -16.76 -5.49 9.06
N THR B 439 -17.32 -6.67 9.24
CA THR B 439 -16.83 -7.85 8.56
C THR B 439 -18.02 -8.37 7.77
N LEU B 440 -17.83 -8.50 6.46
CA LEU B 440 -18.88 -8.97 5.56
C LEU B 440 -18.56 -10.38 5.11
N LEU B 441 -19.55 -11.27 5.24
CA LEU B 441 -19.39 -12.68 4.87
C LEU B 441 -20.39 -13.04 3.78
N TRP B 442 -19.92 -13.73 2.73
CA TRP B 442 -20.82 -14.12 1.66
C TRP B 442 -20.20 -15.19 0.77
N ARG B 443 -21.05 -15.82 -0.03
CA ARG B 443 -20.63 -16.87 -0.95
C ARG B 443 -21.12 -16.53 -2.35
N GLN B 444 -20.41 -17.02 -3.36
CA GLN B 444 -20.79 -16.77 -4.74
C GLN B 444 -22.14 -17.45 -5.00
N GLU B 445 -22.89 -16.98 -5.99
CA GLU B 445 -24.17 -17.58 -6.29
C GLU B 445 -23.98 -18.94 -6.96
N SER B 446 -24.91 -19.77 -6.90
#